data_6YT2
#
_entry.id   6YT2
#
_cell.length_a   128.486
_cell.length_b   222.544
_cell.length_c   85.567
_cell.angle_alpha   90.000
_cell.angle_beta   90.000
_cell.angle_gamma   90.000
#
_symmetry.space_group_name_H-M   'C 2 2 2'
#
loop_
_entity.id
_entity.type
_entity.pdbx_description
1 polymer 'Amine oxidase [flavin-containing] B'
2 non-polymer 'FLAVIN-ADENINE DINUCLEOTIDE'
3 non-polymer benzo[b][1]benziodole
4 non-polymer N-DODECYL-N,N-DIMETHYL-3-AMMONIO-1-PROPANESULFONATE
5 non-polymer GLYCEROL
6 water water
#
_entity_poly.entity_id   1
_entity_poly.type   'polypeptide(L)'
_entity_poly.pdbx_seq_one_letter_code
;SNKCDVVVVGGGISGMAAAKLLHDSGLNVVVLEARDRVGGRTYTLRNQKVKYVDLGGSYVGPTQNRILRLAKELGLETYK
VNEVERLIHHVKGKSYPFRGPFPPVWNPITYLDHNNFWRTMDDMGREIPSDAPWKAPLAEEWDNMTMKELLDKLCWTESA
KQLATLFVNLCVTAETHEVSALWFLWYVKQCGGTTRIISTTNGGQERKFVGGSGQVSERIMDLLGDRVKLERPVIYIDQT
RENVLVETLNHEMYEAKYVISAIPPTLGMKIHFNPPLPMMRNQMITRVPLGSVIKCIVYYKEPFWRKKDYCGTMIIDGEE
APVAYTLDDTKPEGNYAAIMGFILAHKARKLARLTKEERLKKLCELYAKVLGSLEALEPVHYEEKNWCEEQYSGGCYTTY
FPPGILTQYGRVLRQPVDRIYFAGTETATHWSGYMEGAVEAGERAAREILHAMGKIPEDEIWQSEPESVDVPAQPITTTF
LERHLPSVPGLLRLIGLTTIFSATALGFLAHKRGLLVRV
;
_entity_poly.pdbx_strand_id   A,B
#
loop_
_chem_comp.id
_chem_comp.type
_chem_comp.name
_chem_comp.formula
C15 non-polymer N-DODECYL-N,N-DIMETHYL-3-AMMONIO-1-PROPANESULFONATE 'C17 H38 N O3 S 1'
FAD non-polymer 'FLAVIN-ADENINE DINUCLEOTIDE' 'C27 H33 N9 O15 P2'
GOL non-polymer GLYCEROL 'C3 H8 O3'
PJW non-polymer benzo[b][1]benziodole 'C12 H8 I'
#
# COMPACT_ATOMS: atom_id res chain seq x y z
N SER A 1 11.04 28.42 -19.83
CA SER A 1 10.25 27.14 -19.80
C SER A 1 10.19 26.52 -21.20
N ASN A 2 10.36 25.21 -21.30
CA ASN A 2 10.28 24.42 -22.56
C ASN A 2 8.79 24.18 -22.84
N LYS A 3 8.26 24.73 -23.93
CA LYS A 3 6.80 24.75 -24.23
C LYS A 3 6.48 23.60 -25.18
N CYS A 4 5.40 22.87 -24.92
CA CYS A 4 4.89 21.82 -25.82
C CYS A 4 3.39 21.69 -25.58
N ASP A 5 2.74 20.79 -26.31
CA ASP A 5 1.31 20.49 -26.16
C ASP A 5 1.09 19.51 -25.02
N VAL A 6 1.92 18.45 -24.98
CA VAL A 6 1.78 17.36 -23.97
C VAL A 6 3.15 16.98 -23.42
N VAL A 7 3.24 16.99 -22.11
CA VAL A 7 4.35 16.34 -21.40
C VAL A 7 3.85 14.95 -20.99
N VAL A 8 4.65 13.96 -21.36
CA VAL A 8 4.50 12.55 -20.93
C VAL A 8 5.56 12.29 -19.89
N VAL A 9 5.10 11.95 -18.71
CA VAL A 9 6.00 11.62 -17.59
C VAL A 9 6.18 10.10 -17.62
N GLY A 10 7.39 9.67 -17.96
CA GLY A 10 7.75 8.25 -18.02
C GLY A 10 7.95 7.80 -19.45
N GLY A 11 9.09 7.19 -19.71
CA GLY A 11 9.51 6.64 -21.01
C GLY A 11 9.58 5.12 -20.95
N GLY A 12 8.64 4.49 -20.23
CA GLY A 12 8.31 3.06 -20.39
C GLY A 12 7.53 2.87 -21.69
N ILE A 13 7.12 1.65 -21.97
CA ILE A 13 6.27 1.32 -23.14
C ILE A 13 5.00 2.18 -23.13
N SER A 14 4.36 2.40 -21.98
CA SER A 14 3.12 3.19 -21.95
C SER A 14 3.37 4.64 -22.39
N GLY A 15 4.32 5.33 -21.76
CA GLY A 15 4.60 6.74 -22.05
C GLY A 15 5.12 6.84 -23.48
N MET A 16 5.94 5.89 -23.90
CA MET A 16 6.46 5.91 -25.28
C MET A 16 5.30 5.68 -26.25
N ALA A 17 4.39 4.73 -26.00
CA ALA A 17 3.23 4.50 -26.89
C ALA A 17 2.38 5.77 -26.95
N ALA A 18 2.09 6.39 -25.80
CA ALA A 18 1.33 7.65 -25.70
C ALA A 18 2.00 8.70 -26.58
N ALA A 19 3.31 8.92 -26.35
CA ALA A 19 4.09 9.99 -26.97
C ALA A 19 4.08 9.76 -28.47
N LYS A 20 4.25 8.50 -28.87
CA LYS A 20 4.28 8.14 -30.30
C LYS A 20 2.94 8.50 -30.94
N LEU A 21 1.83 8.13 -30.29
CA LEU A 21 0.47 8.39 -30.82
C LEU A 21 0.28 9.91 -30.94
N LEU A 22 0.58 10.65 -29.88
CA LEU A 22 0.40 12.13 -29.91
C LEU A 22 1.29 12.76 -30.98
N HIS A 23 2.57 12.35 -31.04
CA HIS A 23 3.57 12.78 -32.04
C HIS A 23 2.98 12.55 -33.42
N ASP A 24 2.44 11.34 -33.65
CA ASP A 24 1.93 10.88 -34.96
C ASP A 24 0.66 11.67 -35.30
N SER A 25 -0.05 12.20 -34.31
CA SER A 25 -1.27 13.05 -34.48
C SER A 25 -0.89 14.51 -34.73
N GLY A 26 0.41 14.86 -34.75
CA GLY A 26 0.89 16.22 -35.05
C GLY A 26 1.06 17.09 -33.81
N LEU A 27 1.05 16.53 -32.61
CA LEU A 27 1.28 17.33 -31.40
C LEU A 27 2.76 17.37 -31.06
N ASN A 28 3.11 18.40 -30.30
CA ASN A 28 4.46 18.66 -29.74
C ASN A 28 4.47 17.98 -28.38
N VAL A 29 5.16 16.86 -28.32
CA VAL A 29 5.25 16.05 -27.09
C VAL A 29 6.66 16.14 -26.55
N VAL A 30 6.74 16.09 -25.22
CA VAL A 30 8.03 15.88 -24.54
C VAL A 30 7.80 14.64 -23.69
N VAL A 31 8.79 13.76 -23.62
CA VAL A 31 8.80 12.62 -22.66
C VAL A 31 9.86 12.95 -21.61
N LEU A 32 9.44 13.05 -20.35
CA LEU A 32 10.40 13.27 -19.25
C LEU A 32 10.61 11.94 -18.55
N GLU A 33 11.79 11.38 -18.72
CA GLU A 33 12.14 10.02 -18.23
C GLU A 33 13.16 10.20 -17.14
N ALA A 34 12.89 9.65 -15.97
CA ALA A 34 13.75 9.73 -14.78
C ALA A 34 15.11 9.11 -15.05
N ARG A 35 15.14 7.94 -15.69
CA ARG A 35 16.38 7.14 -15.81
C ARG A 35 17.23 7.68 -16.97
N ASP A 36 18.44 7.15 -17.08
CA ASP A 36 19.37 7.36 -18.22
C ASP A 36 19.00 6.47 -19.40
N ARG A 37 17.83 5.82 -19.36
CA ARG A 37 17.37 4.91 -20.43
C ARG A 37 15.86 4.96 -20.49
N VAL A 38 15.28 4.52 -21.60
CA VAL A 38 13.83 4.28 -21.69
C VAL A 38 13.59 2.79 -21.45
N GLY A 39 12.33 2.38 -21.35
CA GLY A 39 11.93 0.97 -21.26
C GLY A 39 11.32 0.65 -19.93
N GLY A 40 11.74 1.34 -18.85
CA GLY A 40 11.17 1.19 -17.52
C GLY A 40 11.30 -0.24 -17.02
N ARG A 41 10.18 -0.94 -16.90
CA ARG A 41 10.18 -2.34 -16.39
C ARG A 41 10.59 -3.31 -17.50
N THR A 42 10.84 -2.78 -18.70
CA THR A 42 11.53 -3.58 -19.74
C THR A 42 12.98 -3.11 -19.75
N TYR A 43 13.90 -4.05 -19.87
CA TYR A 43 15.34 -3.73 -19.85
C TYR A 43 16.07 -4.91 -20.48
N THR A 44 16.61 -4.65 -21.64
CA THR A 44 17.41 -5.64 -22.38
C THR A 44 18.87 -5.33 -22.10
N LEU A 45 19.54 -6.23 -21.40
CA LEU A 45 21.00 -6.14 -21.16
C LEU A 45 21.72 -6.71 -22.39
N ARG A 46 22.76 -6.04 -22.87
CA ARG A 46 23.62 -6.58 -23.96
C ARG A 46 25.05 -6.67 -23.47
N ASN A 47 25.66 -7.84 -23.59
CA ASN A 47 27.11 -8.06 -23.37
C ASN A 47 27.51 -9.27 -24.21
N GLN A 48 28.78 -9.60 -24.25
CA GLN A 48 29.26 -10.65 -25.19
C GLN A 48 28.82 -12.02 -24.70
N LYS A 49 28.63 -12.17 -23.40
CA LYS A 49 28.35 -13.51 -22.84
C LYS A 49 26.92 -13.92 -23.16
N VAL A 50 26.00 -12.98 -23.24
CA VAL A 50 24.55 -13.32 -23.33
C VAL A 50 24.00 -12.93 -24.70
N LYS A 51 24.76 -12.09 -25.39
CA LYS A 51 24.34 -11.30 -26.56
C LYS A 51 23.28 -10.28 -26.12
N TYR A 52 22.10 -10.72 -25.73
CA TYR A 52 21.03 -9.84 -25.20
C TYR A 52 20.22 -10.68 -24.24
N VAL A 53 19.70 -10.05 -23.21
CA VAL A 53 18.81 -10.78 -22.30
C VAL A 53 17.84 -9.76 -21.71
N ASP A 54 16.57 -10.12 -21.75
CA ASP A 54 15.52 -9.32 -21.11
C ASP A 54 15.62 -9.62 -19.64
N LEU A 55 15.97 -8.61 -18.87
CA LEU A 55 15.98 -8.69 -17.40
C LEU A 55 14.65 -8.24 -16.84
N GLY A 56 13.80 -7.56 -17.63
CA GLY A 56 12.44 -7.19 -17.22
C GLY A 56 11.41 -7.91 -18.08
N GLY A 57 10.33 -7.20 -18.43
CA GLY A 57 9.23 -7.75 -19.24
C GLY A 57 9.78 -8.25 -20.56
N SER A 58 9.34 -9.42 -21.01
CA SER A 58 9.96 -10.20 -22.09
C SER A 58 8.90 -10.88 -22.94
N TYR A 59 7.98 -11.61 -22.30
CA TYR A 59 7.04 -12.51 -22.98
C TYR A 59 5.84 -11.75 -23.52
N VAL A 60 5.51 -12.15 -24.73
CA VAL A 60 4.24 -11.73 -25.35
C VAL A 60 3.54 -12.98 -25.85
N GLY A 61 2.26 -12.82 -26.16
CA GLY A 61 1.47 -13.98 -26.51
C GLY A 61 0.21 -13.61 -27.26
N PRO A 62 -0.53 -14.63 -27.69
CA PRO A 62 -1.82 -14.43 -28.36
C PRO A 62 -2.78 -13.60 -27.50
N THR A 63 -3.57 -12.77 -28.17
CA THR A 63 -4.55 -11.78 -27.67
C THR A 63 -3.83 -10.48 -27.25
N GLN A 64 -2.50 -10.45 -27.19
CA GLN A 64 -1.73 -9.22 -26.88
C GLN A 64 -1.43 -8.46 -28.17
N ASN A 65 -2.50 -8.02 -28.81
CA ASN A 65 -2.44 -7.55 -30.21
C ASN A 65 -1.79 -6.16 -30.28
N ARG A 66 -1.97 -5.32 -29.26
CA ARG A 66 -1.44 -3.94 -29.29
C ARG A 66 0.08 -3.95 -29.22
N ILE A 67 0.67 -4.71 -28.29
CA ILE A 67 2.14 -4.77 -28.22
C ILE A 67 2.65 -5.44 -29.48
N LEU A 68 1.97 -6.45 -30.00
CA LEU A 68 2.47 -7.16 -31.19
C LEU A 68 2.45 -6.15 -32.36
N ARG A 69 1.41 -5.31 -32.44
CA ARG A 69 1.24 -4.36 -33.56
C ARG A 69 2.31 -3.29 -33.39
N LEU A 70 2.45 -2.76 -32.17
CA LEU A 70 3.46 -1.72 -31.91
C LEU A 70 4.84 -2.27 -32.22
N ALA A 71 5.19 -3.45 -31.69
CA ALA A 71 6.50 -4.10 -31.92
C ALA A 71 6.72 -4.29 -33.43
N LYS A 72 5.73 -4.83 -34.11
CA LYS A 72 5.83 -5.11 -35.56
C LYS A 72 6.07 -3.79 -36.31
N GLU A 73 5.33 -2.75 -35.97
CA GLU A 73 5.48 -1.43 -36.63
C GLU A 73 6.92 -0.94 -36.42
N LEU A 74 7.55 -1.23 -35.28
CA LEU A 74 8.93 -0.76 -34.98
C LEU A 74 9.98 -1.65 -35.62
N GLY A 75 9.59 -2.70 -36.33
CA GLY A 75 10.46 -3.64 -37.07
C GLY A 75 10.93 -4.80 -36.21
N LEU A 76 10.25 -5.10 -35.12
CA LEU A 76 10.65 -6.26 -34.27
C LEU A 76 9.90 -7.53 -34.70
N GLU A 77 10.51 -8.67 -34.38
CA GLU A 77 10.01 -10.03 -34.67
C GLU A 77 9.97 -10.76 -33.32
N THR A 78 9.11 -11.77 -33.23
CA THR A 78 8.98 -12.64 -32.06
C THR A 78 9.54 -14.01 -32.40
N TYR A 79 9.89 -14.79 -31.39
CA TYR A 79 10.12 -16.24 -31.56
C TYR A 79 9.38 -16.94 -30.45
N LYS A 80 9.14 -18.23 -30.65
CA LYS A 80 8.48 -19.09 -29.66
C LYS A 80 9.48 -19.57 -28.60
N VAL A 81 9.10 -19.36 -27.38
CA VAL A 81 9.75 -20.00 -26.22
C VAL A 81 9.70 -21.52 -26.44
N ASN A 82 10.78 -22.19 -26.07
CA ASN A 82 10.90 -23.66 -26.21
C ASN A 82 9.86 -24.36 -25.32
N GLU A 83 8.91 -25.04 -25.95
CA GLU A 83 7.97 -25.94 -25.24
C GLU A 83 7.82 -27.26 -26.02
N VAL A 84 8.88 -27.68 -26.70
CA VAL A 84 8.84 -28.89 -27.54
C VAL A 84 8.78 -30.10 -26.61
N GLU A 85 9.65 -30.12 -25.61
CA GLU A 85 9.82 -31.33 -24.78
C GLU A 85 8.91 -31.19 -23.56
N ARG A 86 9.10 -32.05 -22.58
CA ARG A 86 8.19 -32.16 -21.43
C ARG A 86 8.47 -31.01 -20.48
N LEU A 87 7.39 -30.51 -19.92
CA LEU A 87 7.41 -29.60 -18.75
C LEU A 87 7.66 -30.48 -17.54
N ILE A 88 8.18 -29.89 -16.49
CA ILE A 88 8.38 -30.63 -15.22
C ILE A 88 7.54 -29.92 -14.18
N HIS A 89 6.74 -30.70 -13.46
CA HIS A 89 6.18 -30.29 -12.16
C HIS A 89 7.02 -31.00 -11.11
N HIS A 90 7.69 -30.21 -10.32
CA HIS A 90 8.55 -30.68 -9.23
C HIS A 90 7.80 -30.45 -7.94
N VAL A 91 7.36 -31.53 -7.31
CA VAL A 91 6.50 -31.44 -6.10
C VAL A 91 7.07 -32.44 -5.10
N LYS A 92 7.33 -31.97 -3.88
CA LYS A 92 7.76 -32.85 -2.76
C LYS A 92 9.04 -33.58 -3.19
N GLY A 93 9.96 -32.85 -3.83
CA GLY A 93 11.32 -33.34 -4.02
C GLY A 93 11.45 -34.22 -5.24
N LYS A 94 10.38 -34.44 -6.02
CA LYS A 94 10.42 -35.30 -7.21
C LYS A 94 9.87 -34.57 -8.42
N SER A 95 10.43 -34.90 -9.57
CA SER A 95 10.05 -34.29 -10.85
C SER A 95 9.07 -35.20 -11.57
N TYR A 96 7.99 -34.61 -12.03
CA TYR A 96 6.93 -35.31 -12.80
C TYR A 96 6.80 -34.63 -14.14
N PRO A 97 7.42 -35.19 -15.17
CA PRO A 97 7.35 -34.60 -16.51
C PRO A 97 5.90 -34.66 -17.00
N PHE A 98 5.51 -33.73 -17.85
CA PHE A 98 4.13 -33.69 -18.37
C PHE A 98 4.12 -32.84 -19.62
N ARG A 99 2.95 -32.82 -20.27
CA ARG A 99 2.67 -32.00 -21.47
C ARG A 99 1.35 -31.30 -21.22
N GLY A 100 1.16 -30.16 -21.87
CA GLY A 100 -0.06 -29.36 -21.72
C GLY A 100 0.18 -28.29 -20.66
N PRO A 101 -0.71 -27.29 -20.61
CA PRO A 101 -0.50 -26.09 -19.81
C PRO A 101 -0.54 -26.32 -18.29
N PHE A 102 -1.38 -27.24 -17.82
CA PHE A 102 -1.58 -27.48 -16.37
C PHE A 102 -0.84 -28.76 -15.96
N PRO A 103 -0.06 -28.73 -14.85
CA PRO A 103 0.52 -29.96 -14.30
C PRO A 103 -0.61 -30.94 -13.99
N PRO A 104 -0.55 -32.20 -14.51
CA PRO A 104 -1.63 -33.14 -14.29
C PRO A 104 -1.54 -33.76 -12.88
N VAL A 105 -2.66 -34.36 -12.45
CA VAL A 105 -2.70 -35.19 -11.22
C VAL A 105 -3.47 -36.45 -11.58
N TRP A 106 -3.18 -37.55 -10.89
CA TRP A 106 -3.78 -38.87 -11.15
C TRP A 106 -4.85 -39.16 -10.09
N ASN A 107 -4.61 -38.71 -8.87
CA ASN A 107 -5.55 -38.95 -7.76
C ASN A 107 -6.91 -38.34 -8.13
N PRO A 108 -7.99 -39.16 -8.24
CA PRO A 108 -9.29 -38.68 -8.70
C PRO A 108 -9.83 -37.50 -7.89
N ILE A 109 -9.67 -37.52 -6.57
CA ILE A 109 -10.14 -36.43 -5.67
C ILE A 109 -9.35 -35.17 -6.03
N THR A 110 -8.03 -35.33 -6.10
CA THR A 110 -7.10 -34.23 -6.45
C THR A 110 -7.48 -33.73 -7.84
N TYR A 111 -7.86 -34.64 -8.72
CA TYR A 111 -8.26 -34.25 -10.09
C TYR A 111 -9.47 -33.30 -10.03
N LEU A 112 -10.51 -33.66 -9.29
CA LEU A 112 -11.74 -32.82 -9.18
C LEU A 112 -11.38 -31.46 -8.55
N ASP A 113 -10.44 -31.45 -7.62
CA ASP A 113 -10.12 -30.22 -6.86
C ASP A 113 -9.36 -29.26 -7.78
N HIS A 114 -8.38 -29.75 -8.51
CA HIS A 114 -7.57 -28.96 -9.47
C HIS A 114 -8.55 -28.41 -10.51
N ASN A 115 -9.38 -29.28 -11.07
CA ASN A 115 -10.27 -28.91 -12.18
C ASN A 115 -11.19 -27.80 -11.69
N ASN A 116 -11.73 -27.97 -10.49
CA ASN A 116 -12.69 -27.02 -9.91
C ASN A 116 -12.00 -25.67 -9.59
N PHE A 117 -10.76 -25.71 -9.11
CA PHE A 117 -10.00 -24.50 -8.75
C PHE A 117 -9.90 -23.60 -9.99
N TRP A 118 -9.35 -24.13 -11.07
CA TRP A 118 -9.14 -23.37 -12.32
C TRP A 118 -10.50 -22.91 -12.86
N ARG A 119 -11.48 -23.80 -12.83
CA ARG A 119 -12.82 -23.49 -13.39
C ARG A 119 -13.40 -22.32 -12.60
N THR A 120 -13.35 -22.40 -11.29
CA THR A 120 -13.93 -21.39 -10.38
C THR A 120 -13.20 -20.05 -10.54
N MET A 121 -11.89 -20.03 -10.73
CA MET A 121 -11.17 -18.75 -10.98
C MET A 121 -11.85 -18.07 -12.16
N ASP A 122 -12.09 -18.83 -13.20
CA ASP A 122 -12.63 -18.22 -14.44
C ASP A 122 -14.12 -17.92 -14.24
N ASP A 123 -14.86 -18.77 -13.53
CA ASP A 123 -16.32 -18.51 -13.28
C ASP A 123 -16.43 -17.16 -12.57
N MET A 124 -15.60 -16.97 -11.54
CA MET A 124 -15.66 -15.70 -10.78
C MET A 124 -15.22 -14.56 -11.68
N GLY A 125 -14.19 -14.77 -12.49
CA GLY A 125 -13.74 -13.72 -13.41
C GLY A 125 -14.88 -13.23 -14.27
N ARG A 126 -15.77 -14.13 -14.70
CA ARG A 126 -16.82 -13.77 -15.71
C ARG A 126 -17.84 -12.82 -15.06
N GLU A 127 -17.83 -12.72 -13.74
CA GLU A 127 -18.69 -11.77 -13.00
C GLU A 127 -18.07 -10.36 -12.93
N ILE A 128 -16.82 -10.21 -13.35
CA ILE A 128 -16.04 -8.97 -13.07
C ILE A 128 -15.83 -8.19 -14.34
N PRO A 129 -16.42 -6.97 -14.46
CA PRO A 129 -16.20 -6.18 -15.65
C PRO A 129 -14.72 -5.77 -15.72
N SER A 130 -14.11 -6.01 -16.87
CA SER A 130 -12.70 -5.66 -17.16
C SER A 130 -12.44 -4.16 -16.88
N ASP A 131 -13.42 -3.30 -17.20
CA ASP A 131 -13.23 -1.84 -17.14
C ASP A 131 -13.72 -1.28 -15.81
N ALA A 132 -14.30 -2.11 -14.94
CA ALA A 132 -14.98 -1.62 -13.72
C ALA A 132 -15.12 -2.79 -12.77
N PRO A 133 -13.99 -3.40 -12.34
CA PRO A 133 -14.06 -4.59 -11.50
C PRO A 133 -14.87 -4.32 -10.22
N TRP A 134 -14.86 -3.08 -9.75
CA TRP A 134 -15.67 -2.63 -8.57
C TRP A 134 -17.18 -2.76 -8.85
N LYS A 135 -17.59 -2.95 -10.10
CA LYS A 135 -19.02 -3.16 -10.41
C LYS A 135 -19.39 -4.66 -10.38
N ALA A 136 -18.45 -5.57 -10.15
CA ALA A 136 -18.83 -7.01 -9.99
C ALA A 136 -19.93 -7.07 -8.93
N PRO A 137 -20.97 -7.93 -9.10
CA PRO A 137 -22.05 -8.00 -8.13
C PRO A 137 -21.54 -8.23 -6.72
N LEU A 138 -20.51 -9.07 -6.54
CA LEU A 138 -19.93 -9.38 -5.21
C LEU A 138 -18.59 -8.64 -5.04
N ALA A 139 -18.44 -7.44 -5.61
CA ALA A 139 -17.14 -6.75 -5.65
C ALA A 139 -16.66 -6.57 -4.23
N GLU A 140 -17.53 -6.06 -3.36
CA GLU A 140 -17.18 -5.70 -1.98
C GLU A 140 -16.70 -6.98 -1.27
N GLU A 141 -17.51 -8.03 -1.28
CA GLU A 141 -17.17 -9.34 -0.67
C GLU A 141 -15.83 -9.88 -1.23
N TRP A 142 -15.63 -9.85 -2.54
CA TRP A 142 -14.38 -10.42 -3.10
C TRP A 142 -13.19 -9.50 -2.83
N ASP A 143 -13.42 -8.19 -2.77
CA ASP A 143 -12.34 -7.22 -2.54
C ASP A 143 -11.90 -7.25 -1.07
N ASN A 144 -12.76 -7.69 -0.18
CA ASN A 144 -12.48 -7.71 1.27
C ASN A 144 -11.78 -9.01 1.66
N MET A 145 -11.42 -9.88 0.72
CA MET A 145 -10.69 -11.11 1.05
C MET A 145 -9.41 -11.14 0.24
N THR A 146 -8.41 -11.77 0.81
CA THR A 146 -7.13 -12.02 0.10
C THR A 146 -7.32 -13.25 -0.79
N MET A 147 -6.41 -13.43 -1.71
CA MET A 147 -6.32 -14.69 -2.45
C MET A 147 -6.04 -15.85 -1.51
N LYS A 148 -5.31 -15.65 -0.41
CA LYS A 148 -5.07 -16.77 0.53
C LYS A 148 -6.44 -17.29 1.02
N GLU A 149 -7.30 -16.38 1.47
CA GLU A 149 -8.62 -16.74 2.01
C GLU A 149 -9.41 -17.46 0.94
N LEU A 150 -9.40 -16.96 -0.27
CA LEU A 150 -10.18 -17.61 -1.36
C LEU A 150 -9.61 -19.00 -1.64
N LEU A 151 -8.30 -19.19 -1.68
CA LEU A 151 -7.71 -20.54 -1.93
C LEU A 151 -8.07 -21.46 -0.78
N ASP A 152 -8.01 -20.94 0.44
CA ASP A 152 -8.38 -21.73 1.63
C ASP A 152 -9.82 -22.21 1.47
N LYS A 153 -10.73 -21.39 0.94
CA LYS A 153 -12.15 -21.78 0.76
C LYS A 153 -12.25 -22.80 -0.38
N LEU A 154 -11.53 -22.59 -1.49
CA LEU A 154 -11.77 -23.33 -2.75
C LEU A 154 -11.05 -24.68 -2.83
N CYS A 155 -9.83 -24.74 -2.31
CA CYS A 155 -8.93 -25.90 -2.51
C CYS A 155 -9.16 -26.89 -1.40
N TRP A 156 -9.73 -28.05 -1.72
CA TRP A 156 -9.94 -29.17 -0.77
C TRP A 156 -8.72 -30.08 -0.74
N THR A 157 -7.72 -29.85 -1.58
CA THR A 157 -6.46 -30.62 -1.48
C THR A 157 -5.32 -29.66 -1.29
N GLU A 158 -4.28 -30.14 -0.61
CA GLU A 158 -3.02 -29.39 -0.40
C GLU A 158 -2.40 -29.25 -1.78
N SER A 159 -2.55 -30.28 -2.60
CA SER A 159 -1.99 -30.30 -3.96
C SER A 159 -2.50 -29.08 -4.76
N ALA A 160 -3.80 -28.84 -4.78
CA ALA A 160 -4.41 -27.72 -5.52
C ALA A 160 -3.98 -26.42 -4.86
N LYS A 161 -3.99 -26.38 -3.54
CA LYS A 161 -3.63 -25.12 -2.82
C LYS A 161 -2.18 -24.72 -3.13
N GLN A 162 -1.27 -25.70 -3.17
CA GLN A 162 0.18 -25.48 -3.41
C GLN A 162 0.32 -25.01 -4.86
N LEU A 163 -0.37 -25.64 -5.80
CA LEU A 163 -0.29 -25.21 -7.19
C LEU A 163 -0.94 -23.83 -7.33
N ALA A 164 -2.13 -23.63 -6.78
CA ALA A 164 -2.82 -22.31 -6.80
C ALA A 164 -1.92 -21.22 -6.21
N THR A 165 -1.22 -21.49 -5.12
CA THR A 165 -0.38 -20.47 -4.45
C THR A 165 0.73 -20.07 -5.41
N LEU A 166 1.36 -21.07 -6.00
CA LEU A 166 2.46 -20.84 -6.93
C LEU A 166 1.89 -19.99 -8.06
N PHE A 167 0.69 -20.31 -8.52
CA PHE A 167 0.04 -19.58 -9.64
C PHE A 167 -0.07 -18.08 -9.29
N VAL A 168 -0.56 -17.79 -8.10
CA VAL A 168 -0.69 -16.37 -7.67
C VAL A 168 0.68 -15.71 -7.58
N ASN A 169 1.64 -16.36 -6.92
CA ASN A 169 2.99 -15.80 -6.73
C ASN A 169 3.58 -15.42 -8.09
N LEU A 170 3.42 -16.33 -9.04
CA LEU A 170 4.02 -16.26 -10.36
C LEU A 170 3.32 -15.19 -11.18
N CYS A 171 2.00 -15.06 -11.06
CA CYS A 171 1.16 -14.12 -11.84
C CYS A 171 1.38 -12.68 -11.38
N VAL A 172 1.47 -12.43 -10.08
CA VAL A 172 1.46 -11.04 -9.59
C VAL A 172 2.59 -10.82 -8.57
N THR A 173 3.59 -11.71 -8.51
CA THR A 173 4.86 -11.55 -7.75
C THR A 173 4.52 -11.03 -6.37
N ALA A 174 3.49 -11.61 -5.80
CA ALA A 174 3.01 -11.24 -4.47
C ALA A 174 2.49 -12.50 -3.83
N GLU A 175 2.40 -12.45 -2.53
CA GLU A 175 1.91 -13.59 -1.73
C GLU A 175 0.38 -13.60 -1.87
N THR A 176 -0.23 -14.75 -1.65
CA THR A 176 -1.69 -14.93 -1.75
C THR A 176 -2.33 -14.04 -0.69
N HIS A 177 -1.66 -13.87 0.44
CA HIS A 177 -2.22 -13.08 1.55
C HIS A 177 -2.08 -11.59 1.33
N GLU A 178 -1.29 -11.17 0.35
CA GLU A 178 -1.02 -9.73 0.12
C GLU A 178 -2.07 -9.13 -0.78
N VAL A 179 -2.72 -9.96 -1.60
CA VAL A 179 -3.52 -9.43 -2.72
C VAL A 179 -5.01 -9.66 -2.49
N SER A 180 -5.79 -8.67 -2.89
CA SER A 180 -7.25 -8.75 -2.99
C SER A 180 -7.65 -9.93 -3.87
N ALA A 181 -8.67 -10.71 -3.50
CA ALA A 181 -9.23 -11.76 -4.36
C ALA A 181 -9.90 -11.11 -5.58
N LEU A 182 -10.67 -10.03 -5.38
CA LEU A 182 -11.37 -9.30 -6.47
C LEU A 182 -10.33 -8.85 -7.46
N TRP A 183 -9.28 -8.21 -6.96
CA TRP A 183 -8.26 -7.69 -7.87
C TRP A 183 -7.62 -8.85 -8.60
N PHE A 184 -7.25 -9.93 -7.92
CA PHE A 184 -6.51 -11.03 -8.57
C PHE A 184 -7.43 -11.69 -9.58
N LEU A 185 -8.70 -11.89 -9.22
CA LEU A 185 -9.66 -12.52 -10.15
C LEU A 185 -9.88 -11.61 -11.34
N TRP A 186 -9.90 -10.30 -11.11
CA TRP A 186 -9.96 -9.31 -12.22
C TRP A 186 -8.72 -9.49 -13.07
N TYR A 187 -7.55 -9.48 -12.43
CA TYR A 187 -6.23 -9.54 -13.11
C TYR A 187 -6.20 -10.74 -14.04
N VAL A 188 -6.60 -11.92 -13.56
CA VAL A 188 -6.56 -13.14 -14.39
C VAL A 188 -7.60 -12.99 -15.50
N LYS A 189 -8.80 -12.55 -15.17
CA LYS A 189 -9.90 -12.41 -16.16
C LYS A 189 -9.51 -11.42 -17.26
N GLN A 190 -8.85 -10.33 -16.91
CA GLN A 190 -8.53 -9.24 -17.86
C GLN A 190 -7.35 -9.67 -18.73
N CYS A 191 -6.72 -10.82 -18.43
CA CYS A 191 -5.73 -11.46 -19.32
C CYS A 191 -6.36 -12.61 -20.12
N GLY A 192 -7.66 -12.83 -20.06
CA GLY A 192 -8.33 -13.87 -20.86
C GLY A 192 -8.48 -15.15 -20.05
N GLY A 193 -8.11 -15.14 -18.78
CA GLY A 193 -8.41 -16.28 -17.90
C GLY A 193 -7.21 -17.18 -17.64
N THR A 194 -7.44 -18.24 -16.85
CA THR A 194 -6.38 -19.07 -16.26
C THR A 194 -5.54 -19.71 -17.35
N THR A 195 -6.16 -20.35 -18.32
CA THR A 195 -5.39 -21.02 -19.37
C THR A 195 -4.52 -20.03 -20.13
N ARG A 196 -5.11 -18.91 -20.54
CA ARG A 196 -4.38 -17.93 -21.37
C ARG A 196 -3.19 -17.41 -20.56
N ILE A 197 -3.40 -17.09 -19.29
CA ILE A 197 -2.32 -16.40 -18.52
C ILE A 197 -1.19 -17.38 -18.22
N ILE A 198 -1.49 -18.66 -18.01
CA ILE A 198 -0.49 -19.64 -17.50
C ILE A 198 0.28 -20.24 -18.66
N SER A 199 -0.27 -20.22 -19.86
CA SER A 199 0.24 -21.04 -20.98
C SER A 199 1.45 -20.37 -21.61
N THR A 200 2.39 -21.20 -22.05
CA THR A 200 3.44 -20.82 -22.99
C THR A 200 2.79 -20.93 -24.37
N THR A 201 2.75 -22.13 -24.92
CA THR A 201 1.95 -22.35 -26.17
C THR A 201 0.53 -21.82 -25.93
N ASN A 202 0.03 -20.91 -26.78
CA ASN A 202 -1.37 -20.38 -26.77
C ASN A 202 -1.63 -19.44 -25.58
N GLY A 203 -0.60 -18.92 -24.93
CA GLY A 203 -0.78 -18.00 -23.80
C GLY A 203 0.27 -16.90 -23.72
N GLY A 204 0.30 -16.27 -22.54
CA GLY A 204 1.12 -15.08 -22.25
C GLY A 204 2.58 -15.32 -22.52
N GLN A 205 3.08 -16.56 -22.34
CA GLN A 205 4.55 -16.78 -22.39
C GLN A 205 4.96 -17.40 -23.73
N GLU A 206 4.10 -17.32 -24.73
CA GLU A 206 4.35 -18.06 -26.00
C GLU A 206 5.65 -17.57 -26.62
N ARG A 207 5.86 -16.25 -26.57
CA ARG A 207 6.91 -15.66 -27.39
C ARG A 207 7.75 -14.63 -26.65
N LYS A 208 8.87 -14.33 -27.25
CA LYS A 208 9.76 -13.22 -26.86
C LYS A 208 10.08 -12.45 -28.13
N PHE A 209 10.50 -11.23 -27.96
CA PHE A 209 11.05 -10.40 -29.05
C PHE A 209 12.48 -10.83 -29.31
N VAL A 210 12.75 -11.03 -30.59
CA VAL A 210 14.15 -11.19 -31.03
C VAL A 210 14.90 -9.89 -30.73
N GLY A 211 15.98 -9.99 -29.95
CA GLY A 211 16.79 -8.84 -29.54
C GLY A 211 16.32 -8.17 -28.27
N GLY A 212 15.21 -8.57 -27.69
CA GLY A 212 14.77 -8.06 -26.37
C GLY A 212 13.66 -7.04 -26.50
N SER A 213 12.83 -6.95 -25.48
CA SER A 213 11.64 -6.09 -25.46
C SER A 213 12.04 -4.63 -25.27
N GLY A 214 13.24 -4.36 -24.77
CA GLY A 214 13.75 -2.99 -24.55
C GLY A 214 13.79 -2.21 -25.85
N GLN A 215 13.88 -2.93 -26.95
CA GLN A 215 13.88 -2.34 -28.31
C GLN A 215 12.58 -1.59 -28.56
N VAL A 216 11.49 -1.95 -27.90
CA VAL A 216 10.21 -1.25 -28.18
C VAL A 216 10.37 0.21 -27.78
N SER A 217 10.77 0.46 -26.53
CA SER A 217 10.95 1.84 -26.02
C SER A 217 12.09 2.52 -26.76
N GLU A 218 13.20 1.80 -27.01
CA GLU A 218 14.42 2.38 -27.62
C GLU A 218 14.04 2.89 -29.02
N ARG A 219 13.29 2.09 -29.76
CA ARG A 219 12.95 2.42 -31.16
C ARG A 219 11.94 3.57 -31.18
N ILE A 220 11.03 3.63 -30.22
CA ILE A 220 10.12 4.82 -30.15
C ILE A 220 10.96 6.05 -29.78
N MET A 221 11.90 5.94 -28.84
CA MET A 221 12.82 7.06 -28.53
C MET A 221 13.54 7.54 -29.80
N ASP A 222 14.07 6.63 -30.61
CA ASP A 222 14.72 6.98 -31.90
C ASP A 222 13.74 7.79 -32.75
N LEU A 223 12.45 7.41 -32.83
CA LEU A 223 11.39 8.10 -33.59
C LEU A 223 11.15 9.51 -33.03
N LEU A 224 11.26 9.68 -31.73
CA LEU A 224 10.89 10.96 -31.09
C LEU A 224 12.10 11.91 -31.05
N GLY A 225 13.32 11.39 -31.28
CA GLY A 225 14.58 12.15 -31.14
C GLY A 225 14.69 12.82 -29.79
N ASP A 226 15.05 14.10 -29.78
CA ASP A 226 15.41 14.83 -28.56
C ASP A 226 14.13 15.21 -27.76
N ARG A 227 12.95 14.75 -28.15
CA ARG A 227 11.73 15.02 -27.37
C ARG A 227 11.75 14.18 -26.10
N VAL A 228 12.49 13.07 -26.10
CA VAL A 228 12.69 12.22 -24.90
C VAL A 228 13.86 12.82 -24.12
N LYS A 229 13.58 13.25 -22.90
CA LYS A 229 14.54 13.87 -21.98
C LYS A 229 14.86 12.80 -20.94
N LEU A 230 16.02 12.19 -21.05
CA LEU A 230 16.54 11.22 -20.05
C LEU A 230 17.11 11.98 -18.84
N GLU A 231 17.13 11.29 -17.70
CA GLU A 231 17.56 11.84 -16.39
C GLU A 231 16.79 13.15 -16.14
N ARG A 232 15.48 13.16 -16.44
CA ARG A 232 14.52 14.24 -16.10
C ARG A 232 13.43 13.64 -15.21
N PRO A 233 13.75 13.29 -13.98
CA PRO A 233 12.71 12.87 -13.05
C PRO A 233 11.80 14.08 -12.81
N VAL A 234 10.51 13.87 -12.97
CA VAL A 234 9.53 14.94 -12.71
C VAL A 234 9.35 15.01 -11.20
N ILE A 235 9.32 16.23 -10.67
CA ILE A 235 9.16 16.47 -9.21
C ILE A 235 7.94 17.33 -8.92
N TYR A 236 7.37 18.03 -9.89
CA TYR A 236 6.38 19.08 -9.57
C TYR A 236 5.51 19.31 -10.79
N ILE A 237 4.20 19.29 -10.57
CA ILE A 237 3.23 19.58 -11.64
C ILE A 237 2.28 20.65 -11.12
N ASP A 238 2.17 21.75 -11.86
CA ASP A 238 1.43 22.97 -11.44
C ASP A 238 0.37 23.22 -12.50
N GLN A 239 -0.90 23.10 -12.10
CA GLN A 239 -2.08 23.30 -12.98
C GLN A 239 -2.87 24.55 -12.56
N THR A 240 -2.30 25.47 -11.78
CA THR A 240 -3.06 26.64 -11.24
C THR A 240 -3.18 27.74 -12.30
N ARG A 241 -2.40 27.66 -13.38
CA ARG A 241 -2.38 28.66 -14.48
C ARG A 241 -2.95 28.06 -15.77
N GLU A 242 -2.89 28.86 -16.84
CA GLU A 242 -3.54 28.57 -18.14
C GLU A 242 -2.87 27.32 -18.72
N ASN A 243 -1.55 27.25 -18.67
CA ASN A 243 -0.75 26.10 -19.11
C ASN A 243 -0.22 25.36 -17.89
N VAL A 244 -0.14 24.02 -17.99
CA VAL A 244 0.45 23.15 -16.94
C VAL A 244 1.97 23.37 -16.94
N LEU A 245 2.53 23.51 -15.75
CA LEU A 245 3.99 23.60 -15.56
C LEU A 245 4.44 22.27 -14.97
N VAL A 246 5.43 21.66 -15.60
CA VAL A 246 6.05 20.41 -15.13
C VAL A 246 7.52 20.71 -14.89
N GLU A 247 7.95 20.50 -13.67
CA GLU A 247 9.35 20.73 -13.29
C GLU A 247 10.03 19.40 -13.05
N THR A 248 11.30 19.30 -13.45
CA THR A 248 12.13 18.11 -13.23
C THR A 248 13.13 18.39 -12.13
N LEU A 249 13.73 17.32 -11.62
CA LEU A 249 14.72 17.34 -10.51
C LEU A 249 15.93 18.23 -10.87
N ASN A 250 16.34 18.30 -12.12
CA ASN A 250 17.45 19.21 -12.52
C ASN A 250 16.97 20.66 -12.69
N HIS A 251 15.73 21.03 -12.31
CA HIS A 251 15.19 22.42 -12.31
C HIS A 251 14.72 22.86 -13.70
N GLU A 252 14.72 21.97 -14.69
CA GLU A 252 14.13 22.31 -16.00
C GLU A 252 12.61 22.46 -15.86
N MET A 253 12.03 23.42 -16.54
CA MET A 253 10.56 23.63 -16.48
C MET A 253 9.98 23.33 -17.86
N TYR A 254 8.90 22.56 -17.90
CA TYR A 254 8.16 22.28 -19.14
C TYR A 254 6.77 22.86 -18.96
N GLU A 255 6.29 23.46 -20.04
CA GLU A 255 4.97 24.09 -20.09
C GLU A 255 4.17 23.32 -21.12
N ALA A 256 2.96 22.90 -20.76
CA ALA A 256 2.14 22.08 -21.68
C ALA A 256 0.67 22.40 -21.50
N LYS A 257 -0.12 22.00 -22.47
CA LYS A 257 -1.58 22.13 -22.36
C LYS A 257 -2.06 21.00 -21.47
N TYR A 258 -1.41 19.83 -21.57
CA TYR A 258 -1.84 18.59 -20.89
C TYR A 258 -0.63 17.76 -20.53
N VAL A 259 -0.84 16.89 -19.57
CA VAL A 259 0.19 15.94 -19.12
C VAL A 259 -0.37 14.51 -19.18
N ILE A 260 0.47 13.57 -19.59
CA ILE A 260 0.19 12.13 -19.38
C ILE A 260 1.14 11.65 -18.29
N SER A 261 0.56 11.11 -17.23
CA SER A 261 1.32 10.37 -16.20
C SER A 261 1.38 8.90 -16.64
N ALA A 262 2.56 8.44 -17.05
CA ALA A 262 2.77 7.08 -17.59
C ALA A 262 3.72 6.32 -16.66
N ILE A 263 3.56 6.58 -15.38
CA ILE A 263 4.40 5.96 -14.33
C ILE A 263 3.51 5.06 -13.49
N PRO A 264 4.08 4.04 -12.84
CA PRO A 264 3.31 3.20 -11.95
C PRO A 264 2.55 4.13 -11.02
N PRO A 265 1.28 3.84 -10.69
CA PRO A 265 0.45 4.77 -9.91
C PRO A 265 1.16 5.28 -8.65
N THR A 266 1.72 4.37 -7.86
CA THR A 266 2.37 4.81 -6.60
C THR A 266 3.52 5.78 -6.87
N LEU A 267 4.25 5.65 -7.98
CA LEU A 267 5.38 6.57 -8.26
C LEU A 267 4.85 7.99 -8.51
N GLY A 268 3.54 8.17 -8.65
CA GLY A 268 2.85 9.48 -8.59
C GLY A 268 3.19 10.27 -7.33
N MET A 269 3.58 9.55 -6.28
CA MET A 269 3.96 10.13 -4.97
C MET A 269 5.24 10.94 -5.10
N LYS A 270 6.08 10.68 -6.11
CA LYS A 270 7.39 11.33 -6.23
C LYS A 270 7.17 12.73 -6.83
N ILE A 271 5.94 13.02 -7.18
CA ILE A 271 5.59 14.33 -7.79
C ILE A 271 4.79 15.14 -6.79
N HIS A 272 5.19 16.40 -6.64
CA HIS A 272 4.48 17.38 -5.79
C HIS A 272 3.47 18.07 -6.69
N PHE A 273 2.20 18.09 -6.30
CA PHE A 273 1.12 18.60 -7.17
C PHE A 273 0.59 19.93 -6.63
N ASN A 274 0.32 20.84 -7.57
CA ASN A 274 -0.30 22.17 -7.31
C ASN A 274 -1.37 22.36 -8.37
N PRO A 275 -2.66 22.43 -8.00
CA PRO A 275 -3.09 22.29 -6.62
C PRO A 275 -2.94 20.83 -6.17
N PRO A 276 -3.12 20.52 -4.88
CA PRO A 276 -3.04 19.14 -4.41
C PRO A 276 -3.97 18.23 -5.23
N LEU A 277 -3.58 16.97 -5.34
CA LEU A 277 -4.47 15.96 -5.97
C LEU A 277 -5.77 15.95 -5.21
N PRO A 278 -6.89 15.65 -5.87
CA PRO A 278 -8.13 15.38 -5.19
C PRO A 278 -7.90 14.22 -4.21
N MET A 279 -8.65 14.25 -3.13
CA MET A 279 -8.56 13.28 -2.01
C MET A 279 -8.37 11.83 -2.50
N MET A 280 -9.24 11.36 -3.37
CA MET A 280 -9.26 9.92 -3.71
C MET A 280 -7.92 9.54 -4.36
N ARG A 281 -7.44 10.30 -5.31
CA ARG A 281 -6.12 9.98 -5.91
C ARG A 281 -4.99 10.16 -4.88
N ASN A 282 -5.06 11.22 -4.10
CA ASN A 282 -4.05 11.52 -3.07
C ASN A 282 -3.84 10.26 -2.23
N GLN A 283 -4.91 9.60 -1.85
CA GLN A 283 -4.79 8.38 -1.02
C GLN A 283 -4.49 7.13 -1.88
N MET A 284 -5.09 7.01 -3.03
CA MET A 284 -4.93 5.79 -3.88
C MET A 284 -3.44 5.52 -4.15
N ILE A 285 -2.63 6.56 -4.37
CA ILE A 285 -1.24 6.38 -4.85
C ILE A 285 -0.34 5.95 -3.69
N THR A 286 -0.88 5.83 -2.48
CA THR A 286 -0.16 5.29 -1.29
C THR A 286 -0.61 3.85 -1.00
N ARG A 287 -1.53 3.29 -1.78
CA ARG A 287 -2.22 2.02 -1.46
C ARG A 287 -1.94 0.96 -2.51
N VAL A 288 -1.05 1.21 -3.46
CA VAL A 288 -0.93 0.33 -4.66
C VAL A 288 0.55 0.04 -4.89
N PRO A 289 1.13 -0.91 -4.14
CA PRO A 289 2.53 -1.29 -4.32
C PRO A 289 2.71 -2.17 -5.55
N LEU A 290 3.96 -2.32 -5.95
CA LEU A 290 4.33 -3.29 -7.00
C LEU A 290 4.86 -4.56 -6.33
N GLY A 291 4.75 -5.68 -7.04
CA GLY A 291 5.26 -6.95 -6.52
C GLY A 291 6.77 -7.03 -6.58
N SER A 292 7.28 -8.19 -6.20
CA SER A 292 8.71 -8.40 -5.87
C SER A 292 9.23 -9.56 -6.69
N VAL A 293 10.27 -9.35 -7.45
CA VAL A 293 10.82 -10.45 -8.27
C VAL A 293 12.28 -10.17 -8.56
N ILE A 294 13.05 -11.26 -8.55
CA ILE A 294 14.39 -11.28 -9.17
C ILE A 294 14.26 -12.19 -10.39
N LYS A 295 14.63 -11.66 -11.54
CA LYS A 295 14.71 -12.49 -12.75
C LYS A 295 16.15 -12.92 -12.90
N CYS A 296 16.36 -14.24 -12.97
CA CYS A 296 17.69 -14.85 -12.96
C CYS A 296 17.86 -15.71 -14.20
N ILE A 297 18.95 -15.54 -14.90
CA ILE A 297 19.21 -16.32 -16.12
C ILE A 297 20.55 -17.04 -15.93
N VAL A 298 20.49 -18.36 -15.91
CA VAL A 298 21.68 -19.22 -15.77
C VAL A 298 22.00 -19.75 -17.15
N TYR A 299 23.26 -19.57 -17.54
CA TYR A 299 23.75 -19.93 -18.89
C TYR A 299 24.51 -21.23 -18.75
N TYR A 300 24.37 -22.06 -19.77
CA TYR A 300 25.05 -23.37 -19.89
C TYR A 300 25.69 -23.49 -21.25
N LYS A 301 26.62 -24.42 -21.35
CA LYS A 301 27.30 -24.76 -22.63
C LYS A 301 26.25 -25.18 -23.65
N GLU A 302 25.25 -25.95 -23.22
CA GLU A 302 24.23 -26.58 -24.11
C GLU A 302 22.91 -26.62 -23.37
N PRO A 303 21.77 -26.68 -24.08
CA PRO A 303 20.45 -26.84 -23.47
C PRO A 303 20.27 -28.35 -23.19
N PHE A 304 21.05 -28.83 -22.23
CA PHE A 304 21.25 -30.26 -21.92
C PHE A 304 19.94 -30.90 -21.47
N TRP A 305 19.02 -30.09 -20.94
CA TRP A 305 17.68 -30.59 -20.51
C TRP A 305 16.90 -31.17 -21.70
N ARG A 306 17.03 -30.59 -22.88
CA ARG A 306 16.34 -31.06 -24.10
C ARG A 306 16.71 -32.51 -24.41
N LYS A 307 17.95 -32.90 -24.15
CA LYS A 307 18.45 -34.28 -24.40
C LYS A 307 17.76 -35.28 -23.45
N LYS A 308 17.22 -34.83 -22.30
CA LYS A 308 16.44 -35.70 -21.37
C LYS A 308 14.95 -35.53 -21.65
N ASP A 309 14.64 -34.90 -22.76
CA ASP A 309 13.26 -34.67 -23.21
C ASP A 309 12.56 -33.72 -22.21
N TYR A 310 13.27 -32.70 -21.72
CA TYR A 310 12.70 -31.60 -20.89
C TYR A 310 12.80 -30.28 -21.66
N CYS A 311 11.73 -29.49 -21.72
CA CYS A 311 11.76 -28.27 -22.54
C CYS A 311 12.46 -27.17 -21.74
N GLY A 312 12.57 -27.30 -20.42
CA GLY A 312 13.25 -26.28 -19.60
C GLY A 312 12.24 -25.59 -18.70
N THR A 313 10.97 -25.89 -18.91
CA THR A 313 9.87 -25.37 -18.09
C THR A 313 9.83 -26.20 -16.82
N MET A 314 9.99 -25.56 -15.70
CA MET A 314 9.91 -26.26 -14.42
C MET A 314 8.96 -25.41 -13.59
N ILE A 315 7.92 -26.07 -13.10
CA ILE A 315 7.02 -25.53 -12.07
C ILE A 315 7.45 -26.21 -10.79
N ILE A 316 8.04 -25.44 -9.88
CA ILE A 316 8.75 -25.98 -8.68
C ILE A 316 7.98 -25.50 -7.47
N ASP A 317 7.24 -26.40 -6.82
CA ASP A 317 6.36 -26.13 -5.64
C ASP A 317 7.25 -25.99 -4.39
N GLY A 318 6.75 -25.28 -3.38
CA GLY A 318 7.30 -25.33 -2.02
C GLY A 318 8.41 -24.32 -1.78
N GLU A 319 8.86 -24.28 -0.53
CA GLU A 319 9.48 -23.10 0.09
C GLU A 319 10.98 -23.11 -0.20
N GLU A 320 11.62 -24.28 -0.24
CA GLU A 320 13.08 -24.38 -0.27
C GLU A 320 13.56 -23.89 -1.64
N ALA A 321 12.78 -24.15 -2.68
CA ALA A 321 13.18 -23.86 -4.07
C ALA A 321 13.31 -22.33 -4.20
N PRO A 322 14.48 -21.77 -4.51
CA PRO A 322 14.55 -20.32 -4.67
C PRO A 322 13.65 -19.85 -5.84
N VAL A 323 13.56 -20.68 -6.86
CA VAL A 323 12.82 -20.40 -8.12
C VAL A 323 11.63 -21.33 -8.18
N ALA A 324 10.45 -20.77 -8.44
CA ALA A 324 9.22 -21.54 -8.54
C ALA A 324 8.88 -21.82 -10.01
N TYR A 325 9.55 -21.13 -10.92
CA TYR A 325 9.18 -21.23 -12.32
C TYR A 325 10.35 -20.83 -13.19
N THR A 326 10.53 -21.64 -14.21
CA THR A 326 11.63 -21.48 -15.15
C THR A 326 11.05 -21.67 -16.55
N LEU A 327 11.73 -21.02 -17.48
CA LEU A 327 11.51 -21.28 -18.91
C LEU A 327 12.90 -21.41 -19.51
N ASP A 328 12.98 -22.19 -20.54
CA ASP A 328 14.17 -22.20 -21.42
C ASP A 328 14.36 -20.78 -21.96
N ASP A 329 15.55 -20.19 -21.82
CA ASP A 329 15.78 -18.81 -22.35
C ASP A 329 16.85 -18.86 -23.42
N THR A 330 17.09 -20.05 -23.96
CA THR A 330 18.06 -20.33 -25.04
C THR A 330 17.64 -19.48 -26.22
N LYS A 331 18.61 -18.94 -26.93
CA LYS A 331 18.31 -18.09 -28.09
C LYS A 331 17.61 -18.98 -29.13
N PRO A 332 16.82 -18.38 -30.04
CA PRO A 332 16.09 -19.16 -31.04
C PRO A 332 17.04 -19.97 -31.91
N GLU A 333 18.32 -19.58 -31.99
CA GLU A 333 19.36 -20.23 -32.84
C GLU A 333 19.88 -21.49 -32.12
N GLY A 334 19.57 -21.65 -30.83
CA GLY A 334 19.90 -22.84 -30.04
C GLY A 334 21.16 -22.65 -29.25
N ASN A 335 21.74 -21.44 -29.30
CA ASN A 335 22.97 -21.11 -28.53
C ASN A 335 22.61 -20.21 -27.34
N TYR A 336 23.62 -19.83 -26.56
CA TYR A 336 23.52 -19.14 -25.26
C TYR A 336 22.43 -19.87 -24.48
N ALA A 337 22.53 -21.19 -24.45
CA ALA A 337 21.66 -22.07 -23.64
C ALA A 337 21.48 -21.41 -22.27
N ALA A 338 20.25 -21.33 -21.82
CA ALA A 338 19.97 -20.64 -20.56
C ALA A 338 18.65 -21.14 -19.99
N ILE A 339 18.54 -21.01 -18.69
CA ILE A 339 17.27 -21.23 -17.96
C ILE A 339 16.97 -19.90 -17.30
N MET A 340 15.80 -19.37 -17.59
CA MET A 340 15.29 -18.14 -16.94
C MET A 340 14.46 -18.64 -15.76
N GLY A 341 14.71 -18.06 -14.59
CA GLY A 341 13.93 -18.39 -13.39
C GLY A 341 13.54 -17.12 -12.67
N PHE A 342 12.38 -17.15 -12.05
CA PHE A 342 11.92 -16.06 -11.20
C PHE A 342 12.09 -16.50 -9.76
N ILE A 343 12.66 -15.61 -8.98
CA ILE A 343 12.59 -15.68 -7.52
C ILE A 343 11.48 -14.73 -7.11
N LEU A 344 10.39 -15.27 -6.57
CA LEU A 344 9.09 -14.55 -6.51
C LEU A 344 8.79 -14.04 -5.11
N ALA A 345 8.18 -12.87 -5.04
CA ALA A 345 7.45 -12.39 -3.85
C ALA A 345 8.40 -12.45 -2.67
N HIS A 346 8.09 -13.12 -1.57
CA HIS A 346 8.95 -13.05 -0.38
C HIS A 346 10.35 -13.63 -0.67
N LYS A 347 10.52 -14.58 -1.57
CA LYS A 347 11.87 -15.15 -1.82
C LYS A 347 12.79 -14.07 -2.42
N ALA A 348 12.21 -13.08 -3.12
CA ALA A 348 12.98 -11.98 -3.72
C ALA A 348 13.61 -11.21 -2.57
N ARG A 349 12.82 -10.91 -1.54
CA ARG A 349 13.30 -10.22 -0.31
C ARG A 349 14.31 -11.14 0.36
N LYS A 350 13.95 -12.40 0.54
CA LYS A 350 14.74 -13.39 1.33
C LYS A 350 16.12 -13.60 0.67
N LEU A 351 16.18 -13.86 -0.64
CA LEU A 351 17.45 -14.23 -1.32
C LEU A 351 18.24 -13.02 -1.83
N ALA A 352 17.72 -11.80 -1.76
CA ALA A 352 18.49 -10.57 -2.11
C ALA A 352 19.67 -10.39 -1.14
N ARG A 353 19.64 -10.97 0.06
CA ARG A 353 20.74 -10.92 1.07
C ARG A 353 22.00 -11.55 0.46
N LEU A 354 21.82 -12.68 -0.22
CA LEU A 354 22.92 -13.48 -0.79
C LEU A 354 23.71 -12.65 -1.80
N THR A 355 24.90 -13.13 -2.14
CA THR A 355 25.71 -12.61 -3.26
C THR A 355 25.10 -13.18 -4.54
N LYS A 356 25.44 -12.58 -5.67
CA LYS A 356 25.08 -13.09 -7.01
C LYS A 356 25.62 -14.53 -7.12
N GLU A 357 26.86 -14.76 -6.70
CA GLU A 357 27.53 -16.09 -6.79
C GLU A 357 26.74 -17.12 -5.95
N GLU A 358 26.28 -16.74 -4.76
CA GLU A 358 25.48 -17.64 -3.91
C GLU A 358 24.10 -17.95 -4.52
N ARG A 359 23.38 -16.97 -5.09
CA ARG A 359 22.09 -17.24 -5.78
C ARG A 359 22.34 -18.17 -6.98
N LEU A 360 23.42 -17.92 -7.71
CA LEU A 360 23.74 -18.81 -8.86
C LEU A 360 23.91 -20.24 -8.38
N LYS A 361 24.62 -20.45 -7.28
CA LYS A 361 24.90 -21.83 -6.81
C LYS A 361 23.57 -22.46 -6.41
N LYS A 362 22.71 -21.72 -5.72
CA LYS A 362 21.42 -22.27 -5.23
C LYS A 362 20.55 -22.64 -6.43
N LEU A 363 20.57 -21.80 -7.45
CA LEU A 363 19.72 -22.04 -8.64
C LEU A 363 20.26 -23.30 -9.34
N CYS A 364 21.57 -23.42 -9.54
CA CYS A 364 22.18 -24.61 -10.21
C CYS A 364 21.86 -25.91 -9.47
N GLU A 365 21.97 -25.89 -8.17
CA GLU A 365 21.70 -27.07 -7.32
C GLU A 365 20.23 -27.44 -7.48
N LEU A 366 19.35 -26.43 -7.52
CA LEU A 366 17.91 -26.65 -7.71
C LEU A 366 17.73 -27.32 -9.07
N TYR A 367 18.24 -26.70 -10.11
CA TYR A 367 18.03 -27.18 -11.48
C TYR A 367 18.62 -28.60 -11.62
N ALA A 368 19.75 -28.87 -11.01
CA ALA A 368 20.42 -30.19 -11.06
C ALA A 368 19.45 -31.23 -10.50
N LYS A 369 18.81 -30.92 -9.40
CA LYS A 369 17.89 -31.88 -8.79
C LYS A 369 16.64 -32.01 -9.65
N VAL A 370 16.07 -30.89 -10.06
CA VAL A 370 14.76 -30.91 -10.76
C VAL A 370 14.92 -31.63 -12.11
N LEU A 371 16.04 -31.41 -12.79
CA LEU A 371 16.33 -32.00 -14.12
C LEU A 371 17.02 -33.36 -13.97
N GLY A 372 17.43 -33.75 -12.77
CA GLY A 372 18.20 -35.00 -12.58
C GLY A 372 19.49 -34.95 -13.35
N SER A 373 20.13 -33.79 -13.38
CA SER A 373 21.25 -33.52 -14.31
C SER A 373 22.37 -32.85 -13.56
N LEU A 374 23.47 -33.55 -13.41
CA LEU A 374 24.75 -32.98 -12.92
C LEU A 374 25.20 -31.81 -13.79
N GLU A 375 24.87 -31.79 -15.06
CA GLU A 375 25.29 -30.70 -16.00
C GLU A 375 24.77 -29.35 -15.51
N ALA A 376 23.67 -29.32 -14.76
CA ALA A 376 23.06 -28.06 -14.26
C ALA A 376 24.03 -27.39 -13.29
N LEU A 377 25.00 -28.14 -12.75
CA LEU A 377 26.00 -27.60 -11.80
C LEU A 377 27.14 -26.96 -12.57
N GLU A 378 27.06 -26.87 -13.89
CA GLU A 378 28.20 -26.32 -14.67
C GLU A 378 27.75 -25.11 -15.46
N PRO A 379 27.27 -24.05 -14.79
CA PRO A 379 26.89 -22.84 -15.52
C PRO A 379 28.14 -22.19 -16.13
N VAL A 380 27.94 -21.43 -17.19
CA VAL A 380 29.03 -20.73 -17.90
C VAL A 380 28.86 -19.24 -17.66
N HIS A 381 27.67 -18.81 -17.24
CA HIS A 381 27.41 -17.36 -17.06
C HIS A 381 26.10 -17.18 -16.29
N TYR A 382 25.91 -16.00 -15.76
CA TYR A 382 24.74 -15.69 -14.93
C TYR A 382 24.43 -14.20 -15.03
N GLU A 383 23.16 -13.87 -15.22
CA GLU A 383 22.64 -12.49 -15.16
C GLU A 383 21.41 -12.49 -14.30
N GLU A 384 21.20 -11.41 -13.58
CA GLU A 384 20.00 -11.31 -12.73
C GLU A 384 19.63 -9.85 -12.61
N LYS A 385 18.39 -9.60 -12.26
CA LYS A 385 17.94 -8.24 -11.91
C LYS A 385 16.87 -8.36 -10.84
N ASN A 386 17.14 -7.73 -9.72
CA ASN A 386 16.19 -7.60 -8.61
C ASN A 386 15.37 -6.32 -8.85
N TRP A 387 14.11 -6.44 -9.24
CA TRP A 387 13.33 -5.23 -9.61
C TRP A 387 12.89 -4.47 -8.35
N CYS A 388 13.03 -5.09 -7.19
CA CYS A 388 12.65 -4.47 -5.90
C CYS A 388 13.51 -3.24 -5.61
N GLU A 389 14.70 -3.17 -6.19
CA GLU A 389 15.73 -2.14 -5.91
C GLU A 389 15.47 -0.85 -6.69
N GLU A 390 14.57 -0.89 -7.68
CA GLU A 390 14.43 0.21 -8.66
C GLU A 390 13.56 1.35 -8.12
N GLN A 391 14.18 2.51 -7.85
CA GLN A 391 13.47 3.72 -7.41
C GLN A 391 12.34 4.07 -8.39
N TYR A 392 12.57 3.93 -9.69
CA TYR A 392 11.61 4.46 -10.66
C TYR A 392 10.81 3.32 -11.28
N SER A 393 10.79 2.15 -10.63
CA SER A 393 9.81 1.09 -10.93
C SER A 393 8.96 0.80 -9.69
N GLY A 394 9.60 0.64 -8.56
CA GLY A 394 8.98 0.23 -7.29
C GLY A 394 8.93 -1.26 -7.14
N GLY A 395 9.14 -2.02 -8.21
CA GLY A 395 9.01 -3.49 -8.24
C GLY A 395 8.62 -3.98 -9.61
N CYS A 396 8.25 -5.25 -9.71
CA CYS A 396 7.73 -5.90 -10.92
C CYS A 396 6.87 -7.09 -10.49
N TYR A 397 6.00 -7.57 -11.37
CA TYR A 397 5.84 -7.03 -12.72
C TYR A 397 5.04 -5.73 -12.69
N THR A 398 4.18 -5.61 -11.69
CA THR A 398 3.09 -4.62 -11.77
C THR A 398 2.54 -4.35 -10.40
N THR A 399 1.60 -3.45 -10.39
CA THR A 399 0.93 -2.98 -9.17
C THR A 399 -0.06 -4.03 -8.75
N TYR A 400 -0.06 -4.40 -7.49
CA TYR A 400 -1.12 -5.26 -6.96
C TYR A 400 -1.94 -4.41 -5.99
N PHE A 401 -3.17 -4.82 -5.84
CA PHE A 401 -4.12 -4.15 -4.94
C PHE A 401 -4.31 -5.04 -3.72
N PRO A 402 -3.92 -4.54 -2.53
CA PRO A 402 -4.23 -5.27 -1.32
C PRO A 402 -5.74 -5.22 -1.11
N PRO A 403 -6.23 -6.04 -0.17
CA PRO A 403 -7.67 -6.13 0.07
C PRO A 403 -8.25 -4.73 0.33
N GLY A 404 -9.40 -4.44 -0.28
CA GLY A 404 -10.23 -3.29 0.05
C GLY A 404 -9.97 -2.10 -0.85
N ILE A 405 -8.89 -2.16 -1.63
CA ILE A 405 -8.39 -0.95 -2.30
C ILE A 405 -9.15 -0.75 -3.61
N LEU A 406 -9.35 -1.84 -4.34
CA LEU A 406 -9.83 -1.71 -5.74
C LEU A 406 -11.27 -1.17 -5.69
N THR A 407 -12.11 -1.54 -4.72
CA THR A 407 -13.51 -1.06 -4.70
C THR A 407 -13.56 0.40 -4.19
N GLN A 408 -12.63 0.82 -3.36
CA GLN A 408 -12.65 2.16 -2.72
C GLN A 408 -11.98 3.19 -3.62
N TYR A 409 -10.94 2.80 -4.35
CA TYR A 409 -10.02 3.73 -5.03
C TYR A 409 -9.92 3.41 -6.51
N GLY A 410 -10.39 2.23 -6.92
CA GLY A 410 -10.17 1.71 -8.28
C GLY A 410 -10.62 2.70 -9.32
N ARG A 411 -11.78 3.33 -9.11
CA ARG A 411 -12.44 4.20 -10.10
C ARG A 411 -11.56 5.41 -10.40
N VAL A 412 -10.56 5.77 -9.59
CA VAL A 412 -9.82 7.02 -9.91
C VAL A 412 -8.49 6.69 -10.56
N LEU A 413 -8.17 5.40 -10.74
CA LEU A 413 -6.88 4.97 -11.32
C LEU A 413 -6.63 5.75 -12.62
N ARG A 414 -7.61 5.84 -13.50
CA ARG A 414 -7.43 6.55 -14.78
C ARG A 414 -8.37 7.77 -14.91
N GLN A 415 -8.94 8.23 -13.82
CA GLN A 415 -9.71 9.50 -13.85
C GLN A 415 -8.75 10.70 -14.03
N PRO A 416 -8.96 11.53 -15.07
CA PRO A 416 -8.14 12.72 -15.26
C PRO A 416 -8.19 13.65 -14.05
N VAL A 417 -7.07 14.30 -13.76
CA VAL A 417 -6.96 15.36 -12.73
C VAL A 417 -6.71 16.66 -13.48
N ASP A 418 -7.80 17.35 -13.75
CA ASP A 418 -7.82 18.59 -14.56
C ASP A 418 -7.17 18.25 -15.90
N ARG A 419 -5.92 18.62 -16.12
CA ARG A 419 -5.28 18.41 -17.44
C ARG A 419 -4.23 17.30 -17.38
N ILE A 420 -4.20 16.53 -16.29
CA ILE A 420 -3.37 15.29 -16.19
C ILE A 420 -4.25 14.08 -16.51
N TYR A 421 -3.80 13.27 -17.47
CA TYR A 421 -4.37 11.98 -17.88
C TYR A 421 -3.39 10.89 -17.51
N PHE A 422 -3.92 9.71 -17.24
CA PHE A 422 -3.15 8.60 -16.66
C PHE A 422 -3.03 7.45 -17.61
N ALA A 423 -1.78 7.13 -17.92
CA ALA A 423 -1.39 5.96 -18.74
C ALA A 423 -0.75 4.93 -17.82
N GLY A 424 0.11 4.07 -18.36
CA GLY A 424 0.80 3.03 -17.60
C GLY A 424 -0.04 1.79 -17.55
N THR A 425 0.63 0.64 -17.51
CA THR A 425 -0.04 -0.65 -17.76
C THR A 425 -1.12 -0.83 -16.70
N GLU A 426 -0.94 -0.24 -15.54
CA GLU A 426 -1.90 -0.41 -14.45
C GLU A 426 -3.28 0.14 -14.81
N THR A 427 -3.39 1.04 -15.79
CA THR A 427 -4.69 1.66 -16.16
C THR A 427 -5.33 0.94 -17.35
N ALA A 428 -4.69 -0.11 -17.90
CA ALA A 428 -5.25 -0.95 -18.99
C ALA A 428 -6.47 -1.75 -18.50
N THR A 429 -7.32 -2.18 -19.44
CA THR A 429 -8.51 -3.02 -19.18
C THR A 429 -8.30 -4.42 -19.74
N HIS A 430 -7.21 -4.66 -20.45
CA HIS A 430 -6.90 -6.01 -20.98
C HIS A 430 -5.38 -6.14 -20.88
N TRP A 431 -4.87 -7.20 -20.23
CA TRP A 431 -3.43 -7.40 -19.99
C TRP A 431 -2.80 -6.20 -19.29
N SER A 432 -3.49 -5.63 -18.34
CA SER A 432 -2.89 -4.74 -17.34
C SER A 432 -1.81 -5.57 -16.63
N GLY A 433 -0.67 -4.95 -16.38
CA GLY A 433 0.51 -5.54 -15.75
C GLY A 433 1.54 -5.96 -16.79
N TYR A 434 1.16 -5.95 -18.04
CA TYR A 434 1.98 -6.43 -19.16
C TYR A 434 2.32 -5.27 -20.08
N MET A 435 3.23 -5.57 -20.96
CA MET A 435 3.62 -4.65 -22.04
C MET A 435 2.37 -4.31 -22.86
N GLU A 436 1.51 -5.28 -23.13
CA GLU A 436 0.24 -5.08 -23.85
C GLU A 436 -0.58 -3.99 -23.17
N GLY A 437 -0.77 -4.11 -21.85
CA GLY A 437 -1.52 -3.10 -21.10
C GLY A 437 -0.88 -1.73 -21.18
N ALA A 438 0.43 -1.67 -21.19
CA ALA A 438 1.16 -0.39 -21.27
C ALA A 438 0.77 0.30 -22.58
N VAL A 439 0.70 -0.48 -23.64
CA VAL A 439 0.38 0.10 -24.95
C VAL A 439 -1.08 0.56 -24.94
N GLU A 440 -2.00 -0.31 -24.52
CA GLU A 440 -3.44 0.05 -24.44
C GLU A 440 -3.58 1.38 -23.69
N ALA A 441 -2.94 1.49 -22.52
CA ALA A 441 -3.19 2.64 -21.63
C ALA A 441 -2.56 3.91 -22.19
N GLY A 442 -1.38 3.81 -22.77
CA GLY A 442 -0.66 4.96 -23.32
C GLY A 442 -1.47 5.56 -24.43
N GLU A 443 -1.99 4.70 -25.29
CA GLU A 443 -2.73 5.13 -26.50
C GLU A 443 -4.05 5.75 -26.04
N ARG A 444 -4.67 5.13 -25.04
CA ARG A 444 -5.99 5.57 -24.55
C ARG A 444 -5.83 6.95 -23.90
N ALA A 445 -4.80 7.16 -23.06
CA ALA A 445 -4.51 8.47 -22.43
C ALA A 445 -4.29 9.51 -23.52
N ALA A 446 -3.50 9.15 -24.53
CA ALA A 446 -3.18 10.06 -25.65
C ALA A 446 -4.50 10.47 -26.31
N ARG A 447 -5.42 9.53 -26.52
CA ARG A 447 -6.68 9.79 -27.26
C ARG A 447 -7.62 10.59 -26.35
N GLU A 448 -7.54 10.41 -25.03
CA GLU A 448 -8.31 11.29 -24.11
C GLU A 448 -7.96 12.75 -24.34
N ILE A 449 -6.68 13.05 -24.46
CA ILE A 449 -6.19 14.43 -24.66
C ILE A 449 -6.62 14.87 -26.07
N LEU A 450 -6.46 14.02 -27.08
CA LEU A 450 -6.97 14.37 -28.42
C LEU A 450 -8.45 14.72 -28.31
N HIS A 451 -9.22 13.99 -27.52
CA HIS A 451 -10.66 14.31 -27.37
C HIS A 451 -10.82 15.66 -26.66
N ALA A 452 -10.07 15.91 -25.58
CA ALA A 452 -10.15 17.17 -24.80
C ALA A 452 -9.86 18.35 -25.73
N MET A 453 -9.02 18.13 -26.74
CA MET A 453 -8.58 19.21 -27.65
C MET A 453 -9.60 19.37 -28.79
N GLY A 454 -10.66 18.54 -28.82
CA GLY A 454 -11.68 18.53 -29.89
C GLY A 454 -11.16 17.91 -31.19
N LYS A 455 -10.03 17.19 -31.17
CA LYS A 455 -9.45 16.57 -32.38
C LYS A 455 -10.09 15.23 -32.72
N ILE A 456 -10.77 14.56 -31.79
CA ILE A 456 -11.45 13.27 -32.09
C ILE A 456 -12.71 13.23 -31.25
N PRO A 457 -13.74 12.49 -31.67
CA PRO A 457 -14.94 12.32 -30.85
C PRO A 457 -14.70 11.34 -29.69
N GLU A 458 -15.57 11.38 -28.67
CA GLU A 458 -15.48 10.51 -27.47
C GLU A 458 -15.34 9.03 -27.86
N ASP A 459 -16.07 8.57 -28.87
CA ASP A 459 -16.15 7.12 -29.23
C ASP A 459 -14.81 6.64 -29.81
N GLU A 460 -13.82 7.50 -30.02
CA GLU A 460 -12.50 7.06 -30.51
C GLU A 460 -11.46 7.05 -29.39
N ILE A 461 -11.82 7.36 -28.16
CA ILE A 461 -10.85 7.32 -27.03
C ILE A 461 -10.42 5.85 -26.83
N TRP A 462 -11.38 4.95 -26.73
CA TRP A 462 -11.19 3.48 -26.59
C TRP A 462 -11.31 2.86 -27.97
N GLN A 463 -10.22 2.28 -28.45
CA GLN A 463 -10.12 1.70 -29.81
C GLN A 463 -9.81 0.23 -29.63
N SER A 464 -10.56 -0.64 -30.30
CA SER A 464 -10.24 -2.09 -30.37
C SER A 464 -8.97 -2.27 -31.21
N GLU A 465 -8.32 -3.41 -31.09
CA GLU A 465 -7.08 -3.77 -31.82
C GLU A 465 -7.38 -4.98 -32.69
N PRO A 466 -7.05 -4.90 -33.99
CA PRO A 466 -7.13 -6.05 -34.88
C PRO A 466 -6.24 -7.19 -34.34
N GLU A 467 -6.74 -8.42 -34.44
CA GLU A 467 -5.97 -9.62 -34.06
C GLU A 467 -4.68 -9.68 -34.89
N SER A 468 -3.54 -9.91 -34.24
CA SER A 468 -2.25 -10.17 -34.93
C SER A 468 -2.45 -11.35 -35.90
N VAL A 469 -1.97 -11.22 -37.12
CA VAL A 469 -2.00 -12.33 -38.11
C VAL A 469 -0.80 -13.24 -37.83
N ASP A 470 0.24 -12.76 -37.14
CA ASP A 470 1.48 -13.53 -36.83
C ASP A 470 1.25 -14.41 -35.61
N VAL A 471 0.50 -13.94 -34.62
CA VAL A 471 0.31 -14.68 -33.33
C VAL A 471 -1.18 -14.87 -33.16
N PRO A 472 -1.78 -15.80 -33.92
CA PRO A 472 -3.23 -16.00 -33.87
C PRO A 472 -3.59 -16.61 -32.51
N ALA A 473 -4.73 -16.21 -31.94
CA ALA A 473 -5.21 -16.72 -30.63
C ALA A 473 -6.06 -17.98 -30.85
N GLN A 474 -5.57 -19.14 -30.45
CA GLN A 474 -6.43 -20.31 -30.30
C GLN A 474 -7.41 -19.95 -29.20
N PRO A 475 -8.72 -20.25 -29.38
CA PRO A 475 -9.71 -19.93 -28.35
C PRO A 475 -9.41 -20.83 -27.15
N ILE A 476 -9.86 -20.39 -25.99
CA ILE A 476 -9.74 -21.21 -24.76
C ILE A 476 -10.97 -22.09 -24.72
N THR A 477 -10.79 -23.38 -24.65
CA THR A 477 -11.88 -24.37 -24.71
C THR A 477 -11.81 -25.20 -23.44
N THR A 478 -12.98 -25.60 -22.98
CA THR A 478 -13.14 -26.58 -21.88
C THR A 478 -13.77 -27.85 -22.49
N THR A 479 -13.50 -29.01 -21.91
CA THR A 479 -14.16 -30.30 -22.24
C THR A 479 -15.42 -30.42 -21.39
N PHE A 480 -16.34 -31.27 -21.83
CA PHE A 480 -17.59 -31.59 -21.10
C PHE A 480 -17.26 -31.90 -19.63
N LEU A 481 -16.28 -32.76 -19.43
CA LEU A 481 -15.91 -33.27 -18.10
C LEU A 481 -15.44 -32.07 -17.27
N GLU A 482 -14.59 -31.24 -17.87
CA GLU A 482 -13.99 -30.05 -17.20
C GLU A 482 -15.11 -29.15 -16.72
N ARG A 483 -16.13 -28.91 -17.56
CA ARG A 483 -17.25 -27.99 -17.18
C ARG A 483 -18.18 -28.63 -16.14
N HIS A 484 -18.34 -29.94 -16.11
CA HIS A 484 -19.45 -30.57 -15.33
C HIS A 484 -18.90 -31.48 -14.23
N LEU A 485 -17.62 -31.85 -14.24
CA LEU A 485 -17.13 -32.70 -13.13
C LEU A 485 -17.40 -31.94 -11.86
N PRO A 486 -17.88 -32.62 -10.81
CA PRO A 486 -18.20 -31.93 -9.57
C PRO A 486 -16.91 -31.44 -8.89
N SER A 487 -17.04 -30.35 -8.11
CA SER A 487 -16.05 -29.96 -7.09
C SER A 487 -15.95 -31.10 -6.07
N VAL A 488 -14.96 -31.03 -5.21
CA VAL A 488 -14.88 -31.99 -4.09
C VAL A 488 -16.13 -31.81 -3.24
N PRO A 489 -16.56 -30.60 -2.82
CA PRO A 489 -17.79 -30.45 -2.05
C PRO A 489 -19.02 -30.88 -2.86
N GLY A 490 -18.97 -30.75 -4.19
CA GLY A 490 -20.05 -31.18 -5.09
C GLY A 490 -20.17 -32.69 -5.10
N LEU A 491 -19.05 -33.40 -5.22
CA LEU A 491 -18.97 -34.87 -5.05
C LEU A 491 -19.50 -35.27 -3.67
N LEU A 492 -19.07 -34.59 -2.61
CA LEU A 492 -19.55 -34.89 -1.22
C LEU A 492 -21.07 -34.66 -1.14
N ARG A 493 -21.60 -33.58 -1.71
CA ARG A 493 -23.07 -33.29 -1.77
C ARG A 493 -23.77 -34.44 -2.51
N LEU A 494 -23.21 -34.95 -3.61
CA LEU A 494 -23.75 -36.12 -4.36
C LEU A 494 -23.82 -37.37 -3.47
N ILE A 495 -22.72 -37.69 -2.75
CA ILE A 495 -22.59 -38.84 -1.80
C ILE A 495 -23.64 -38.73 -0.68
N GLY A 496 -23.79 -37.55 -0.08
CA GLY A 496 -24.84 -37.26 0.92
C GLY A 496 -26.22 -37.68 0.42
N LEU A 497 -26.58 -37.31 -0.81
CA LEU A 497 -27.95 -37.46 -1.39
C LEU A 497 -28.21 -38.92 -1.79
N THR A 498 -27.21 -39.63 -2.33
CA THR A 498 -27.31 -41.07 -2.70
C THR A 498 -27.69 -41.89 -1.46
N THR A 499 -27.00 -41.65 -0.34
CA THR A 499 -27.25 -42.26 0.99
C THR A 499 -28.41 -41.50 1.66
N ILE A 500 -29.62 -41.67 1.11
CA ILE A 500 -30.88 -40.91 1.46
C ILE A 500 -31.97 -41.34 0.48
N SER B 1 24.72 27.23 -0.52
CA SER B 1 23.86 26.30 0.27
C SER B 1 23.85 26.72 1.75
N ASN B 2 22.72 26.51 2.42
CA ASN B 2 22.50 26.83 3.85
C ASN B 2 23.08 25.68 4.69
N LYS B 3 24.14 25.93 5.46
CA LYS B 3 24.95 24.88 6.13
C LYS B 3 24.48 24.74 7.57
N CYS B 4 24.33 23.51 8.03
CA CYS B 4 23.88 23.26 9.40
C CYS B 4 24.36 21.86 9.78
N ASP B 5 24.10 21.47 11.02
CA ASP B 5 24.54 20.16 11.55
C ASP B 5 23.54 19.10 11.07
N VAL B 6 22.24 19.40 11.24
CA VAL B 6 21.15 18.43 10.95
C VAL B 6 20.01 19.16 10.26
N VAL B 7 19.56 18.58 9.18
CA VAL B 7 18.28 18.97 8.54
C VAL B 7 17.23 18.00 9.05
N VAL B 8 16.16 18.57 9.58
CA VAL B 8 14.96 17.80 9.96
C VAL B 8 13.94 18.04 8.88
N VAL B 9 13.54 16.95 8.23
CA VAL B 9 12.50 17.03 7.19
C VAL B 9 11.15 16.78 7.90
N GLY B 10 10.35 17.83 7.99
CA GLY B 10 9.00 17.76 8.55
C GLY B 10 8.95 18.50 9.87
N GLY B 11 8.04 19.46 9.98
CA GLY B 11 7.83 20.25 11.20
C GLY B 11 6.53 19.88 11.84
N GLY B 12 6.23 18.59 11.87
CA GLY B 12 5.24 18.01 12.77
C GLY B 12 5.86 17.91 14.14
N ILE B 13 5.12 17.32 15.06
CA ILE B 13 5.63 17.13 16.43
C ILE B 13 6.94 16.36 16.38
N SER B 14 7.07 15.34 15.54
CA SER B 14 8.26 14.46 15.58
C SER B 14 9.48 15.27 15.17
N GLY B 15 9.38 15.95 14.02
CA GLY B 15 10.46 16.81 13.49
C GLY B 15 10.83 17.90 14.48
N MET B 16 9.83 18.56 15.05
CA MET B 16 10.04 19.69 15.96
C MET B 16 10.71 19.15 17.22
N ALA B 17 10.27 18.00 17.73
CA ALA B 17 10.87 17.41 18.94
C ALA B 17 12.35 17.06 18.68
N ALA B 18 12.64 16.47 17.52
CA ALA B 18 14.03 16.12 17.12
C ALA B 18 14.83 17.43 17.02
N ALA B 19 14.31 18.45 16.32
CA ALA B 19 15.03 19.73 16.11
C ALA B 19 15.26 20.39 17.46
N LYS B 20 14.29 20.36 18.35
CA LYS B 20 14.46 21.02 19.67
C LYS B 20 15.58 20.27 20.42
N LEU B 21 15.58 18.94 20.38
CA LEU B 21 16.60 18.18 21.15
C LEU B 21 17.98 18.53 20.58
N LEU B 22 18.14 18.50 19.27
CA LEU B 22 19.44 18.77 18.64
C LEU B 22 19.85 20.22 18.93
N HIS B 23 18.93 21.17 18.80
CA HIS B 23 19.15 22.62 19.07
C HIS B 23 19.62 22.78 20.50
N ASP B 24 18.91 22.18 21.45
CA ASP B 24 19.25 22.25 22.88
C ASP B 24 20.64 21.65 23.14
N SER B 25 21.10 20.69 22.32
CA SER B 25 22.42 20.04 22.43
C SER B 25 23.49 20.96 21.82
N GLY B 26 23.10 22.03 21.16
CA GLY B 26 24.03 23.04 20.63
C GLY B 26 24.31 22.81 19.17
N LEU B 27 23.55 21.92 18.51
CA LEU B 27 23.75 21.74 17.06
C LEU B 27 22.93 22.79 16.32
N ASN B 28 23.42 23.11 15.14
CA ASN B 28 22.69 23.97 14.19
C ASN B 28 21.71 23.08 13.43
N VAL B 29 20.41 23.27 13.69
CA VAL B 29 19.35 22.45 13.08
C VAL B 29 18.57 23.34 12.13
N VAL B 30 18.10 22.78 11.05
CA VAL B 30 17.12 23.46 10.21
C VAL B 30 15.95 22.50 10.06
N VAL B 31 14.74 23.05 10.16
CA VAL B 31 13.52 22.24 9.95
C VAL B 31 12.95 22.69 8.64
N LEU B 32 12.81 21.75 7.74
CA LEU B 32 12.24 22.04 6.42
C LEU B 32 10.83 21.48 6.44
N GLU B 33 9.85 22.36 6.34
CA GLU B 33 8.43 22.00 6.45
C GLU B 33 7.77 22.32 5.12
N ALA B 34 7.04 21.37 4.56
CA ALA B 34 6.38 21.50 3.26
C ALA B 34 5.29 22.58 3.35
N ARG B 35 4.55 22.64 4.43
CA ARG B 35 3.35 23.50 4.49
C ARG B 35 3.71 24.92 4.93
N ASP B 36 2.73 25.83 4.86
CA ASP B 36 2.80 27.22 5.36
C ASP B 36 2.52 27.23 6.85
N ARG B 37 2.53 26.06 7.48
CA ARG B 37 2.33 25.97 8.93
C ARG B 37 3.14 24.80 9.46
N VAL B 38 3.47 24.83 10.74
CA VAL B 38 3.97 23.61 11.41
C VAL B 38 2.78 22.81 11.94
N GLY B 39 3.06 21.64 12.51
CA GLY B 39 2.07 20.84 13.25
C GLY B 39 1.66 19.58 12.50
N GLY B 40 1.76 19.57 11.18
CA GLY B 40 1.49 18.36 10.37
C GLY B 40 0.11 17.80 10.64
N ARG B 41 0.02 16.60 11.23
CA ARG B 41 -1.28 15.95 11.49
C ARG B 41 -1.93 16.54 12.74
N THR B 42 -1.28 17.50 13.38
CA THR B 42 -1.95 18.42 14.33
C THR B 42 -2.18 19.77 13.63
N TYR B 43 -3.31 20.36 13.91
CA TYR B 43 -3.75 21.63 13.31
C TYR B 43 -4.81 22.23 14.22
N THR B 44 -4.51 23.37 14.79
CA THR B 44 -5.43 24.13 15.65
C THR B 44 -5.87 25.39 14.88
N LEU B 45 -7.15 25.46 14.60
CA LEU B 45 -7.78 26.62 13.93
C LEU B 45 -8.30 27.55 15.00
N ARG B 46 -8.06 28.85 14.85
CA ARG B 46 -8.63 29.90 15.76
C ARG B 46 -9.59 30.80 14.97
N ASN B 47 -10.78 31.04 15.52
CA ASN B 47 -11.71 32.10 15.03
C ASN B 47 -12.63 32.44 16.19
N GLN B 48 -13.39 33.52 16.06
CA GLN B 48 -14.21 34.03 17.17
C GLN B 48 -15.27 32.99 17.49
N LYS B 49 -15.69 32.21 16.51
CA LYS B 49 -16.85 31.29 16.71
C LYS B 49 -16.42 30.10 17.56
N VAL B 50 -15.19 29.58 17.44
CA VAL B 50 -14.73 28.33 18.15
C VAL B 50 -13.71 28.69 19.22
N LYS B 51 -13.18 29.91 19.17
CA LYS B 51 -11.96 30.37 19.87
C LYS B 51 -10.77 29.61 19.30
N TYR B 52 -10.67 28.31 19.59
CA TYR B 52 -9.69 27.42 18.92
C TYR B 52 -10.31 26.02 18.82
N VAL B 53 -9.88 25.26 17.83
CA VAL B 53 -10.35 23.86 17.71
C VAL B 53 -9.22 23.03 17.12
N ASP B 54 -8.98 21.86 17.69
CA ASP B 54 -8.05 20.87 17.09
C ASP B 54 -8.77 20.19 15.93
N LEU B 55 -8.27 20.35 14.71
CA LEU B 55 -8.85 19.66 13.55
C LEU B 55 -8.01 18.43 13.20
N GLY B 56 -6.87 18.24 13.86
CA GLY B 56 -6.05 17.04 13.75
C GLY B 56 -5.94 16.38 15.10
N GLY B 57 -4.80 15.74 15.35
CA GLY B 57 -4.45 15.19 16.65
C GLY B 57 -4.74 16.17 17.77
N SER B 58 -5.34 15.63 18.82
CA SER B 58 -5.85 16.47 19.92
C SER B 58 -5.57 15.83 21.28
N TYR B 59 -5.90 14.55 21.41
CA TYR B 59 -6.06 13.87 22.71
C TYR B 59 -4.71 13.35 23.15
N VAL B 60 -4.50 13.49 24.43
CA VAL B 60 -3.32 12.90 25.07
C VAL B 60 -3.87 12.24 26.31
N GLY B 61 -3.09 11.33 26.81
CA GLY B 61 -3.50 10.54 27.96
C GLY B 61 -2.33 9.97 28.72
N PRO B 62 -2.72 9.31 29.82
CA PRO B 62 -1.78 8.62 30.69
C PRO B 62 -0.90 7.63 29.92
N THR B 63 0.38 7.59 30.29
CA THR B 63 1.47 6.77 29.73
C THR B 63 2.03 7.48 28.52
N GLN B 64 1.44 8.60 28.07
CA GLN B 64 2.04 9.39 26.98
C GLN B 64 2.92 10.50 27.59
N ASN B 65 3.98 10.07 28.25
CA ASN B 65 4.80 10.91 29.12
C ASN B 65 5.65 11.87 28.32
N ARG B 66 6.05 11.50 27.10
CA ARG B 66 6.94 12.35 26.31
C ARG B 66 6.16 13.56 25.79
N ILE B 67 4.98 13.39 25.22
CA ILE B 67 4.20 14.56 24.69
C ILE B 67 3.77 15.44 25.87
N LEU B 68 3.44 14.84 26.99
CA LEU B 68 3.07 15.69 28.15
C LEU B 68 4.25 16.50 28.64
N ARG B 69 5.46 15.92 28.66
CA ARG B 69 6.66 16.61 29.18
C ARG B 69 7.01 17.74 28.21
N LEU B 70 7.01 17.44 26.93
CA LEU B 70 7.38 18.45 25.95
C LEU B 70 6.38 19.59 25.99
N ALA B 71 5.09 19.28 26.01
CA ALA B 71 4.01 20.28 26.06
C ALA B 71 4.19 21.14 27.31
N LYS B 72 4.42 20.52 28.46
CA LYS B 72 4.56 21.30 29.72
C LYS B 72 5.78 22.23 29.64
N GLU B 73 6.88 21.77 29.06
CA GLU B 73 8.08 22.59 28.88
C GLU B 73 7.76 23.82 28.02
N LEU B 74 6.91 23.66 27.02
CA LEU B 74 6.52 24.78 26.11
C LEU B 74 5.44 25.67 26.75
N GLY B 75 4.99 25.38 27.97
CA GLY B 75 4.07 26.24 28.74
C GLY B 75 2.61 25.89 28.46
N LEU B 76 2.34 24.67 27.98
CA LEU B 76 1.00 24.16 27.68
C LEU B 76 0.41 23.45 28.90
N GLU B 77 -0.90 23.51 28.99
CA GLU B 77 -1.71 22.87 30.04
C GLU B 77 -2.66 21.91 29.34
N THR B 78 -3.09 20.87 30.03
CA THR B 78 -4.12 19.95 29.51
C THR B 78 -5.43 20.21 30.28
N TYR B 79 -6.54 19.82 29.72
CA TYR B 79 -7.80 19.71 30.48
C TYR B 79 -8.40 18.38 30.09
N LYS B 80 -9.34 17.92 30.90
CA LYS B 80 -9.92 16.59 30.74
C LYS B 80 -11.10 16.69 29.82
N VAL B 81 -11.10 15.79 28.84
CA VAL B 81 -12.27 15.52 27.98
C VAL B 81 -13.44 15.16 28.88
N ASN B 82 -14.59 15.72 28.56
CA ASN B 82 -15.78 15.55 29.39
C ASN B 82 -16.21 14.08 29.34
N GLU B 83 -16.11 13.35 30.44
CA GLU B 83 -16.64 11.99 30.55
C GLU B 83 -17.37 11.88 31.89
N VAL B 84 -17.99 12.97 32.32
CA VAL B 84 -18.68 12.96 33.64
C VAL B 84 -19.95 12.11 33.52
N GLU B 85 -20.71 12.34 32.47
CA GLU B 85 -22.06 11.76 32.34
C GLU B 85 -21.96 10.46 31.53
N ARG B 86 -23.08 9.94 31.04
CA ARG B 86 -23.08 8.59 30.46
C ARG B 86 -22.61 8.65 29.03
N LEU B 87 -21.92 7.60 28.66
CA LEU B 87 -21.59 7.29 27.25
C LEU B 87 -22.85 6.74 26.61
N ILE B 88 -22.90 6.70 25.29
CA ILE B 88 -24.03 6.08 24.59
C ILE B 88 -23.46 5.06 23.61
N HIS B 89 -24.02 3.86 23.63
CA HIS B 89 -23.83 2.90 22.53
C HIS B 89 -25.15 2.90 21.78
N HIS B 90 -25.14 3.29 20.54
CA HIS B 90 -26.34 3.32 19.70
C HIS B 90 -26.34 2.06 18.84
N VAL B 91 -27.23 1.13 19.13
CA VAL B 91 -27.27 -0.26 18.57
C VAL B 91 -28.68 -0.44 17.97
N LYS B 92 -28.77 -0.87 16.72
CA LYS B 92 -30.05 -1.21 16.05
C LYS B 92 -31.04 -0.07 16.30
N GLY B 93 -30.59 1.17 16.11
CA GLY B 93 -31.47 2.36 16.09
C GLY B 93 -31.91 2.78 17.48
N LYS B 94 -31.23 2.36 18.51
CA LYS B 94 -31.59 2.74 19.90
C LYS B 94 -30.32 3.06 20.69
N SER B 95 -30.41 4.09 21.52
CA SER B 95 -29.34 4.59 22.41
C SER B 95 -29.40 3.82 23.74
N TYR B 96 -28.29 3.20 24.06
CA TYR B 96 -28.09 2.47 25.33
C TYR B 96 -27.05 3.22 26.12
N PRO B 97 -27.46 4.06 27.08
CA PRO B 97 -26.50 4.78 27.90
C PRO B 97 -25.72 3.80 28.78
N PHE B 98 -24.45 4.09 29.00
CA PHE B 98 -23.59 3.25 29.87
C PHE B 98 -22.50 4.10 30.51
N ARG B 99 -21.78 3.44 31.41
CA ARG B 99 -20.59 3.98 32.12
C ARG B 99 -19.48 2.94 31.98
N GLY B 100 -18.22 3.36 32.14
CA GLY B 100 -17.06 2.48 31.96
C GLY B 100 -16.61 2.52 30.51
N PRO B 101 -15.43 1.96 30.21
CA PRO B 101 -14.84 2.15 28.88
C PRO B 101 -15.49 1.32 27.77
N PHE B 102 -16.10 0.17 28.13
CA PHE B 102 -16.59 -0.86 27.19
C PHE B 102 -18.11 -0.86 27.20
N PRO B 103 -18.76 -0.77 26.03
CA PRO B 103 -20.21 -0.81 26.01
C PRO B 103 -20.62 -2.18 26.52
N PRO B 104 -21.60 -2.25 27.44
CA PRO B 104 -22.02 -3.53 28.00
C PRO B 104 -22.91 -4.32 27.01
N VAL B 105 -22.99 -5.63 27.19
CA VAL B 105 -23.93 -6.49 26.44
C VAL B 105 -24.67 -7.35 27.45
N TRP B 106 -25.93 -7.63 27.13
CA TRP B 106 -26.89 -8.30 28.04
C TRP B 106 -27.06 -9.77 27.64
N ASN B 107 -27.04 -10.10 26.36
CA ASN B 107 -27.17 -11.52 25.95
C ASN B 107 -25.95 -12.29 26.47
N PRO B 108 -26.15 -13.43 27.18
CA PRO B 108 -25.03 -14.16 27.80
C PRO B 108 -24.05 -14.76 26.78
N ILE B 109 -24.59 -15.23 25.66
CA ILE B 109 -23.74 -15.75 24.56
C ILE B 109 -22.91 -14.58 24.02
N THR B 110 -23.56 -13.47 23.73
CA THR B 110 -22.93 -12.24 23.19
C THR B 110 -21.90 -11.75 24.21
N TYR B 111 -22.23 -11.79 25.48
CA TYR B 111 -21.29 -11.43 26.55
C TYR B 111 -20.00 -12.25 26.42
N LEU B 112 -20.11 -13.57 26.29
CA LEU B 112 -18.91 -14.44 26.24
C LEU B 112 -18.10 -14.07 25.00
N ASP B 113 -18.81 -13.85 23.91
CA ASP B 113 -18.17 -13.53 22.60
C ASP B 113 -17.39 -12.22 22.74
N HIS B 114 -18.03 -11.17 23.25
CA HIS B 114 -17.45 -9.81 23.41
C HIS B 114 -16.25 -9.91 24.33
N ASN B 115 -16.45 -10.56 25.48
CA ASN B 115 -15.38 -10.71 26.48
C ASN B 115 -14.18 -11.40 25.82
N ASN B 116 -14.45 -12.48 25.10
CA ASN B 116 -13.41 -13.32 24.50
C ASN B 116 -12.68 -12.49 23.45
N PHE B 117 -13.39 -11.64 22.72
CA PHE B 117 -12.77 -10.88 21.62
C PHE B 117 -11.70 -9.94 22.19
N TRP B 118 -12.07 -9.09 23.16
CA TRP B 118 -11.15 -8.09 23.76
C TRP B 118 -10.01 -8.85 24.44
N ARG B 119 -10.33 -9.92 25.17
CA ARG B 119 -9.32 -10.67 25.92
C ARG B 119 -8.27 -11.28 24.98
N THR B 120 -8.73 -11.89 23.87
CA THR B 120 -7.90 -12.55 22.84
C THR B 120 -6.98 -11.53 22.17
N MET B 121 -7.46 -10.33 21.89
CA MET B 121 -6.61 -9.27 21.28
C MET B 121 -5.44 -8.97 22.21
N ASP B 122 -5.71 -8.82 23.50
CA ASP B 122 -4.63 -8.57 24.48
C ASP B 122 -3.78 -9.85 24.62
N ASP B 123 -4.36 -11.03 24.70
CA ASP B 123 -3.57 -12.29 24.83
C ASP B 123 -2.60 -12.38 23.65
N MET B 124 -3.09 -12.11 22.44
CA MET B 124 -2.23 -12.18 21.24
C MET B 124 -1.16 -11.11 21.35
N GLY B 125 -1.55 -9.91 21.76
CA GLY B 125 -0.63 -8.76 21.94
C GLY B 125 0.54 -9.12 22.81
N ARG B 126 0.34 -9.96 23.82
CA ARG B 126 1.40 -10.25 24.80
C ARG B 126 2.52 -11.04 24.14
N GLU B 127 2.27 -11.62 22.97
CA GLU B 127 3.34 -12.40 22.30
C GLU B 127 4.02 -11.52 21.24
N ILE B 128 3.67 -10.24 21.16
CA ILE B 128 4.20 -9.36 20.08
C ILE B 128 5.11 -8.31 20.69
N PRO B 129 6.43 -8.45 20.45
CA PRO B 129 7.40 -7.48 20.94
C PRO B 129 7.08 -6.08 20.39
N SER B 130 6.95 -5.10 21.27
CA SER B 130 6.69 -3.68 20.89
C SER B 130 7.72 -3.21 19.89
N ASP B 131 9.00 -3.53 20.13
CA ASP B 131 10.08 -2.99 19.30
C ASP B 131 10.33 -3.88 18.09
N ALA B 132 9.64 -5.01 17.95
CA ALA B 132 9.92 -6.01 16.90
C ALA B 132 8.72 -6.92 16.72
N PRO B 133 7.57 -6.40 16.26
CA PRO B 133 6.38 -7.25 16.12
C PRO B 133 6.61 -8.47 15.23
N TRP B 134 7.50 -8.35 14.25
CA TRP B 134 7.89 -9.44 13.30
C TRP B 134 8.57 -10.61 14.03
N LYS B 135 8.96 -10.42 15.27
CA LYS B 135 9.59 -11.48 16.09
C LYS B 135 8.52 -12.21 16.89
N ALA B 136 7.24 -11.86 16.75
CA ALA B 136 6.18 -12.63 17.42
C ALA B 136 6.34 -14.09 16.96
N PRO B 137 6.13 -15.04 17.87
CA PRO B 137 6.28 -16.47 17.57
C PRO B 137 5.37 -16.83 16.40
N LEU B 138 4.16 -16.26 16.32
CA LEU B 138 3.25 -16.56 15.18
C LEU B 138 3.18 -15.37 14.21
N ALA B 139 4.29 -14.67 14.05
CA ALA B 139 4.32 -13.39 13.29
C ALA B 139 3.81 -13.65 11.88
N GLU B 140 4.32 -14.69 11.22
CA GLU B 140 3.95 -14.97 9.80
C GLU B 140 2.46 -15.32 9.74
N GLU B 141 2.04 -16.25 10.58
CA GLU B 141 0.61 -16.64 10.61
C GLU B 141 -0.26 -15.38 10.80
N TRP B 142 0.07 -14.53 11.76
CA TRP B 142 -0.83 -13.40 12.06
C TRP B 142 -0.68 -12.30 11.02
N ASP B 143 0.50 -12.16 10.45
CA ASP B 143 0.68 -11.08 9.45
C ASP B 143 -0.02 -11.44 8.14
N ASN B 144 -0.28 -12.72 7.91
CA ASN B 144 -0.82 -13.27 6.63
C ASN B 144 -2.34 -13.29 6.67
N MET B 145 -2.92 -12.73 7.71
CA MET B 145 -4.37 -12.67 7.93
C MET B 145 -4.72 -11.18 8.03
N THR B 146 -5.92 -10.80 7.60
CA THR B 146 -6.47 -9.48 7.92
C THR B 146 -7.19 -9.54 9.25
N MET B 147 -7.41 -8.38 9.84
CA MET B 147 -8.26 -8.27 11.01
C MET B 147 -9.64 -8.82 10.67
N LYS B 148 -10.14 -8.68 9.44
CA LYS B 148 -11.46 -9.21 9.10
C LYS B 148 -11.46 -10.73 9.33
N GLU B 149 -10.43 -11.40 8.84
CA GLU B 149 -10.31 -12.87 8.98
C GLU B 149 -10.25 -13.26 10.45
N LEU B 150 -9.43 -12.56 11.22
CA LEU B 150 -9.28 -12.87 12.65
C LEU B 150 -10.65 -12.66 13.30
N LEU B 151 -11.32 -11.53 13.02
CA LEU B 151 -12.64 -11.25 13.63
C LEU B 151 -13.66 -12.29 13.18
N ASP B 152 -13.63 -12.71 11.91
CA ASP B 152 -14.56 -13.76 11.41
C ASP B 152 -14.32 -15.05 12.20
N LYS B 153 -13.07 -15.37 12.47
CA LYS B 153 -12.65 -16.57 13.24
C LYS B 153 -13.11 -16.40 14.70
N LEU B 154 -12.84 -15.26 15.32
CA LEU B 154 -12.98 -15.13 16.79
C LEU B 154 -14.44 -14.89 17.17
N CYS B 155 -15.15 -14.09 16.40
CA CYS B 155 -16.45 -13.53 16.80
C CYS B 155 -17.55 -14.48 16.35
N TRP B 156 -18.18 -15.15 17.29
CA TRP B 156 -19.36 -16.02 17.03
C TRP B 156 -20.65 -15.21 16.97
N THR B 157 -20.66 -13.93 17.36
CA THR B 157 -21.87 -13.08 17.29
C THR B 157 -21.63 -11.90 16.35
N GLU B 158 -22.70 -11.52 15.66
CA GLU B 158 -22.75 -10.31 14.80
C GLU B 158 -22.50 -9.07 15.65
N SER B 159 -23.03 -9.02 16.86
CA SER B 159 -22.84 -7.93 17.85
C SER B 159 -21.34 -7.71 18.10
N ALA B 160 -20.60 -8.76 18.46
CA ALA B 160 -19.16 -8.67 18.78
C ALA B 160 -18.43 -8.20 17.52
N LYS B 161 -18.74 -8.83 16.40
CA LYS B 161 -18.07 -8.52 15.14
C LYS B 161 -18.28 -7.04 14.80
N GLN B 162 -19.49 -6.49 14.92
CA GLN B 162 -19.78 -5.08 14.57
C GLN B 162 -19.01 -4.14 15.50
N LEU B 163 -18.94 -4.44 16.79
CA LEU B 163 -18.21 -3.57 17.72
C LEU B 163 -16.71 -3.69 17.47
N ALA B 164 -16.22 -4.88 17.22
CA ALA B 164 -14.78 -5.11 16.99
C ALA B 164 -14.41 -4.37 15.72
N THR B 165 -15.30 -4.42 14.73
CA THR B 165 -15.15 -3.71 13.45
C THR B 165 -15.04 -2.22 13.74
N LEU B 166 -15.99 -1.68 14.50
CA LEU B 166 -16.01 -0.24 14.84
C LEU B 166 -14.67 0.08 15.51
N PHE B 167 -14.24 -0.78 16.41
CA PHE B 167 -13.01 -0.58 17.19
C PHE B 167 -11.83 -0.47 16.23
N VAL B 168 -11.74 -1.40 15.29
CA VAL B 168 -10.64 -1.37 14.30
C VAL B 168 -10.73 -0.06 13.51
N ASN B 169 -11.92 0.26 13.03
CA ASN B 169 -12.14 1.45 12.18
C ASN B 169 -11.71 2.70 12.96
N LEU B 170 -12.07 2.75 14.23
CA LEU B 170 -11.81 3.95 15.06
C LEU B 170 -10.33 3.97 15.43
N CYS B 171 -9.69 2.85 15.70
CA CYS B 171 -8.27 2.84 16.15
C CYS B 171 -7.38 3.28 15.01
N VAL B 172 -7.65 2.79 13.82
CA VAL B 172 -6.60 2.84 12.76
C VAL B 172 -7.22 3.40 11.48
N THR B 173 -8.45 3.96 11.56
CA THR B 173 -9.12 4.69 10.46
C THR B 173 -9.01 3.84 9.19
N ALA B 174 -9.19 2.55 9.36
CA ALA B 174 -9.14 1.63 8.23
C ALA B 174 -10.10 0.48 8.48
N GLU B 175 -10.38 -0.20 7.39
CA GLU B 175 -11.32 -1.32 7.38
C GLU B 175 -10.57 -2.54 7.94
N THR B 176 -11.30 -3.47 8.51
CA THR B 176 -10.73 -4.69 9.11
C THR B 176 -10.06 -5.52 8.01
N HIS B 177 -10.60 -5.47 6.81
CA HIS B 177 -10.07 -6.27 5.70
C HIS B 177 -8.79 -5.63 5.16
N GLU B 178 -8.51 -4.36 5.47
CA GLU B 178 -7.37 -3.62 4.89
C GLU B 178 -6.12 -3.94 5.68
N VAL B 179 -6.23 -4.34 6.96
CA VAL B 179 -5.05 -4.31 7.86
C VAL B 179 -4.65 -5.72 8.28
N SER B 180 -3.37 -5.93 8.43
CA SER B 180 -2.73 -7.14 9.01
C SER B 180 -3.23 -7.30 10.43
N ALA B 181 -3.63 -8.51 10.76
CA ALA B 181 -3.89 -8.90 12.16
C ALA B 181 -2.65 -8.61 12.99
N LEU B 182 -1.46 -9.07 12.56
CA LEU B 182 -0.22 -8.89 13.35
C LEU B 182 -0.04 -7.40 13.62
N TRP B 183 -0.19 -6.59 12.60
CA TRP B 183 0.09 -5.15 12.76
C TRP B 183 -0.91 -4.54 13.74
N PHE B 184 -2.18 -4.82 13.53
CA PHE B 184 -3.26 -4.26 14.36
C PHE B 184 -3.05 -4.68 15.81
N LEU B 185 -2.71 -5.94 16.01
CA LEU B 185 -2.54 -6.46 17.38
C LEU B 185 -1.32 -5.80 18.02
N TRP B 186 -0.28 -5.63 17.22
CA TRP B 186 0.89 -4.85 17.64
C TRP B 186 0.44 -3.43 18.03
N TYR B 187 -0.36 -2.79 17.18
CA TYR B 187 -0.75 -1.38 17.34
C TYR B 187 -1.43 -1.21 18.67
N VAL B 188 -2.34 -2.12 18.96
CA VAL B 188 -3.13 -2.05 20.19
C VAL B 188 -2.18 -2.30 21.36
N LYS B 189 -1.36 -3.35 21.27
CA LYS B 189 -0.48 -3.73 22.36
C LYS B 189 0.53 -2.63 22.67
N GLN B 190 1.05 -1.95 21.67
CA GLN B 190 2.04 -0.85 21.85
C GLN B 190 1.39 0.43 22.37
N CYS B 191 0.07 0.54 22.42
CA CYS B 191 -0.62 1.63 23.18
C CYS B 191 -1.02 1.15 24.56
N GLY B 192 -0.54 -0.01 24.98
CA GLY B 192 -0.84 -0.55 26.31
C GLY B 192 -2.08 -1.43 26.36
N GLY B 193 -2.63 -1.82 25.21
CA GLY B 193 -3.74 -2.78 25.14
C GLY B 193 -5.09 -2.16 24.90
N THR B 194 -6.13 -2.98 24.88
CA THR B 194 -7.47 -2.55 24.40
C THR B 194 -8.03 -1.48 25.36
N THR B 195 -7.91 -1.67 26.66
CA THR B 195 -8.54 -0.72 27.61
C THR B 195 -7.86 0.63 27.49
N ARG B 196 -6.52 0.60 27.46
CA ARG B 196 -5.75 1.87 27.43
C ARG B 196 -6.13 2.61 26.15
N ILE B 197 -6.23 1.92 25.02
CA ILE B 197 -6.39 2.66 23.75
C ILE B 197 -7.81 3.22 23.63
N ILE B 198 -8.81 2.52 24.17
CA ILE B 198 -10.23 2.84 23.92
C ILE B 198 -10.69 3.86 24.96
N SER B 199 -9.95 4.01 26.05
CA SER B 199 -10.49 4.73 27.23
C SER B 199 -10.31 6.24 27.08
N THR B 200 -11.31 7.03 27.51
CA THR B 200 -11.16 8.49 27.74
C THR B 200 -10.49 8.62 29.11
N THR B 201 -11.28 8.44 30.17
CA THR B 201 -10.70 8.38 31.52
C THR B 201 -9.66 7.27 31.54
N ASN B 202 -8.42 7.60 31.91
CA ASN B 202 -7.28 6.67 32.08
C ASN B 202 -6.88 6.05 30.74
N GLY B 203 -7.13 6.73 29.64
CA GLY B 203 -6.71 6.20 28.34
C GLY B 203 -6.23 7.29 27.43
N GLY B 204 -6.09 6.94 26.19
CA GLY B 204 -5.53 7.83 25.17
C GLY B 204 -6.38 9.08 24.95
N GLN B 205 -7.67 9.09 25.29
CA GLN B 205 -8.54 10.26 24.99
C GLN B 205 -8.82 11.06 26.25
N GLU B 206 -8.01 10.92 27.29
CA GLU B 206 -8.32 11.58 28.57
C GLU B 206 -8.32 13.10 28.44
N ARG B 207 -7.34 13.65 27.72
CA ARG B 207 -7.05 15.08 27.79
C ARG B 207 -6.87 15.70 26.43
N LYS B 208 -7.02 17.01 26.44
CA LYS B 208 -6.64 17.87 25.32
C LYS B 208 -5.79 19.02 25.89
N PHE B 209 -5.07 19.67 25.01
CA PHE B 209 -4.24 20.83 25.35
C PHE B 209 -5.15 22.06 25.32
N VAL B 210 -5.04 22.86 26.38
CA VAL B 210 -5.64 24.21 26.43
C VAL B 210 -5.05 25.01 25.29
N GLY B 211 -5.91 25.54 24.43
CA GLY B 211 -5.51 26.35 23.26
C GLY B 211 -5.10 25.51 22.07
N GLY B 212 -5.07 24.18 22.21
CA GLY B 212 -4.91 23.30 21.06
C GLY B 212 -3.53 22.71 20.95
N SER B 213 -3.45 21.52 20.33
CA SER B 213 -2.20 20.74 20.25
C SER B 213 -1.25 21.36 19.24
N GLY B 214 -1.78 22.13 18.30
CA GLY B 214 -0.96 22.83 17.30
C GLY B 214 0.09 23.70 18.00
N GLN B 215 -0.17 24.14 19.22
CA GLN B 215 0.76 24.98 20.02
C GLN B 215 2.04 24.20 20.31
N VAL B 216 2.05 22.87 20.29
CA VAL B 216 3.32 22.14 20.57
C VAL B 216 4.29 22.50 19.44
N SER B 217 3.86 22.34 18.20
CA SER B 217 4.73 22.56 17.04
C SER B 217 4.99 24.07 16.94
N GLU B 218 3.95 24.90 17.09
CA GLU B 218 4.05 26.38 16.98
C GLU B 218 5.07 26.89 18.00
N ARG B 219 5.09 26.38 19.21
CA ARG B 219 5.97 26.96 20.23
C ARG B 219 7.41 26.47 20.06
N ILE B 220 7.63 25.29 19.48
CA ILE B 220 9.01 24.86 19.13
C ILE B 220 9.44 25.71 17.95
N MET B 221 8.52 26.01 17.05
CA MET B 221 8.87 26.92 15.93
C MET B 221 9.19 28.29 16.52
N ASP B 222 8.45 28.74 17.52
CA ASP B 222 8.77 30.02 18.21
C ASP B 222 10.23 29.96 18.69
N LEU B 223 10.60 28.89 19.40
CA LEU B 223 11.98 28.75 19.92
C LEU B 223 13.00 28.80 18.79
N LEU B 224 12.75 28.08 17.70
CA LEU B 224 13.82 27.84 16.72
C LEU B 224 13.97 29.07 15.81
N GLY B 225 12.97 29.97 15.83
CA GLY B 225 12.79 31.12 14.93
C GLY B 225 12.95 30.74 13.48
N ASP B 226 13.87 31.44 12.82
CA ASP B 226 14.07 31.31 11.36
C ASP B 226 14.78 29.99 11.01
N ARG B 227 15.09 29.13 11.98
CA ARG B 227 15.62 27.78 11.71
C ARG B 227 14.52 26.91 11.07
N VAL B 228 13.26 27.32 11.28
CA VAL B 228 12.10 26.68 10.62
C VAL B 228 11.81 27.36 9.31
N LYS B 229 11.85 26.59 8.25
CA LYS B 229 11.55 27.10 6.89
C LYS B 229 10.20 26.51 6.49
N LEU B 230 9.17 27.34 6.47
CA LEU B 230 7.82 26.95 6.01
C LEU B 230 7.74 27.00 4.50
N GLU B 231 6.87 26.19 3.89
CA GLU B 231 6.75 26.12 2.42
C GLU B 231 8.12 25.73 1.83
N ARG B 232 8.79 24.78 2.49
CA ARG B 232 10.01 24.14 1.97
C ARG B 232 9.81 22.63 1.86
N PRO B 233 8.96 22.16 0.92
CA PRO B 233 8.81 20.73 0.67
C PRO B 233 10.15 20.18 0.18
N VAL B 234 10.65 19.16 0.85
CA VAL B 234 11.89 18.45 0.47
C VAL B 234 11.55 17.52 -0.69
N ILE B 235 12.36 17.61 -1.74
CA ILE B 235 12.17 16.86 -3.01
C ILE B 235 13.37 15.92 -3.25
N TYR B 236 14.52 16.17 -2.63
CA TYR B 236 15.76 15.48 -3.02
C TYR B 236 16.72 15.42 -1.84
N ILE B 237 17.23 14.24 -1.55
CA ILE B 237 18.31 14.06 -0.57
C ILE B 237 19.45 13.29 -1.25
N ASP B 238 20.65 13.85 -1.13
CA ASP B 238 21.86 13.34 -1.78
C ASP B 238 22.89 13.07 -0.69
N GLN B 239 23.26 11.82 -0.56
CA GLN B 239 24.25 11.34 0.42
C GLN B 239 25.53 10.82 -0.26
N THR B 240 25.78 11.16 -1.52
CA THR B 240 26.97 10.66 -2.25
C THR B 240 28.22 11.40 -1.75
N ARG B 241 28.07 12.58 -1.14
CA ARG B 241 29.21 13.50 -0.82
C ARG B 241 29.51 13.52 0.68
N GLU B 242 30.47 14.35 1.05
CA GLU B 242 31.01 14.50 2.44
C GLU B 242 29.86 14.90 3.37
N ASN B 243 29.07 15.88 2.93
CA ASN B 243 27.87 16.39 3.63
C ASN B 243 26.63 15.94 2.87
N VAL B 244 25.53 15.67 3.59
CA VAL B 244 24.24 15.33 2.94
C VAL B 244 23.70 16.62 2.32
N LEU B 245 23.17 16.56 1.10
CA LEU B 245 22.49 17.71 0.48
C LEU B 245 20.99 17.46 0.51
N VAL B 246 20.24 18.42 1.05
CA VAL B 246 18.76 18.37 1.02
C VAL B 246 18.25 19.51 0.19
N GLU B 247 17.44 19.20 -0.81
CA GLU B 247 16.90 20.25 -1.68
C GLU B 247 15.40 20.36 -1.46
N THR B 248 14.90 21.59 -1.48
CA THR B 248 13.44 21.89 -1.40
C THR B 248 12.89 22.26 -2.77
N LEU B 249 11.59 22.24 -2.84
CA LEU B 249 10.80 22.48 -4.05
C LEU B 249 11.05 23.93 -4.53
N ASN B 250 11.23 24.90 -3.62
CA ASN B 250 11.59 26.31 -3.98
C ASN B 250 13.10 26.48 -4.26
N HIS B 251 13.81 25.37 -4.58
CA HIS B 251 15.19 25.30 -5.13
C HIS B 251 16.26 25.48 -4.04
N GLU B 252 15.88 25.78 -2.80
CA GLU B 252 16.86 26.01 -1.73
C GLU B 252 17.65 24.73 -1.45
N MET B 253 18.91 24.89 -1.08
CA MET B 253 19.83 23.76 -0.79
C MET B 253 20.29 23.86 0.66
N TYR B 254 20.20 22.77 1.38
CA TYR B 254 20.61 22.66 2.79
C TYR B 254 21.67 21.56 2.85
N GLU B 255 22.72 21.84 3.57
CA GLU B 255 23.89 20.96 3.70
C GLU B 255 24.02 20.67 5.18
N ALA B 256 24.04 19.38 5.51
CA ALA B 256 24.11 18.90 6.89
C ALA B 256 25.00 17.66 6.96
N LYS B 257 25.44 17.33 8.17
CA LYS B 257 26.13 16.07 8.44
C LYS B 257 25.11 14.93 8.42
N TYR B 258 23.89 15.20 8.89
CA TYR B 258 22.85 14.15 9.02
C TYR B 258 21.47 14.74 8.76
N VAL B 259 20.56 13.84 8.44
CA VAL B 259 19.16 14.20 8.15
C VAL B 259 18.30 13.36 9.06
N ILE B 260 17.23 13.96 9.57
CA ILE B 260 16.12 13.22 10.21
C ILE B 260 14.93 13.32 9.25
N SER B 261 14.44 12.18 8.80
CA SER B 261 13.17 12.08 8.05
C SER B 261 12.02 11.95 9.06
N ALA B 262 11.26 13.02 9.29
CA ALA B 262 10.20 13.02 10.33
C ALA B 262 8.85 13.12 9.64
N ILE B 263 8.71 12.42 8.53
CA ILE B 263 7.47 12.46 7.72
C ILE B 263 6.92 11.04 7.73
N PRO B 264 5.60 10.87 7.47
CA PRO B 264 5.02 9.55 7.36
C PRO B 264 5.83 8.71 6.40
N PRO B 265 6.08 7.41 6.68
CA PRO B 265 6.97 6.59 5.87
C PRO B 265 6.65 6.73 4.38
N THR B 266 5.38 6.61 4.00
CA THR B 266 5.04 6.61 2.57
C THR B 266 5.38 7.97 1.94
N LEU B 267 5.35 9.05 2.70
CA LEU B 267 5.67 10.39 2.13
C LEU B 267 7.18 10.52 1.85
N GLY B 268 7.97 9.55 2.30
CA GLY B 268 9.32 9.29 1.76
C GLY B 268 9.30 9.19 0.25
N MET B 269 8.19 8.73 -0.33
CA MET B 269 8.07 8.57 -1.79
C MET B 269 8.15 9.95 -2.45
N LYS B 270 7.87 11.03 -1.73
CA LYS B 270 7.85 12.37 -2.40
C LYS B 270 9.27 12.90 -2.56
N ILE B 271 10.24 12.23 -1.96
CA ILE B 271 11.66 12.60 -1.99
C ILE B 271 12.39 11.66 -2.94
N HIS B 272 13.21 12.24 -3.81
CA HIS B 272 14.12 11.50 -4.73
C HIS B 272 15.45 11.32 -4.02
N PHE B 273 15.91 10.08 -3.96
CA PHE B 273 17.13 9.74 -3.20
C PHE B 273 18.29 9.42 -4.12
N ASN B 274 19.46 9.90 -3.70
CA ASN B 274 20.76 9.61 -4.32
C ASN B 274 21.78 9.31 -3.22
N PRO B 275 22.32 8.07 -3.13
CA PRO B 275 21.98 6.97 -4.02
C PRO B 275 20.54 6.50 -3.73
N PRO B 276 20.01 5.60 -4.57
CA PRO B 276 18.69 5.03 -4.34
C PRO B 276 18.63 4.45 -2.94
N LEU B 277 17.47 4.50 -2.33
CA LEU B 277 17.22 3.74 -1.10
C LEU B 277 17.55 2.27 -1.31
N PRO B 278 18.01 1.60 -0.24
CA PRO B 278 18.14 0.15 -0.29
C PRO B 278 16.79 -0.48 -0.66
N MET B 279 16.85 -1.66 -1.28
CA MET B 279 15.69 -2.40 -1.83
C MET B 279 14.55 -2.42 -0.82
N MET B 280 14.82 -2.83 0.40
CA MET B 280 13.74 -3.10 1.37
C MET B 280 13.02 -1.78 1.70
N ARG B 281 13.71 -0.65 1.80
CA ARG B 281 13.00 0.64 2.11
C ARG B 281 12.30 1.14 0.84
N ASN B 282 12.96 0.98 -0.29
CA ASN B 282 12.40 1.37 -1.60
C ASN B 282 10.99 0.78 -1.70
N GLN B 283 10.86 -0.50 -1.39
CA GLN B 283 9.54 -1.15 -1.52
C GLN B 283 8.67 -0.82 -0.32
N MET B 284 9.22 -0.72 0.88
CA MET B 284 8.42 -0.51 2.10
C MET B 284 7.57 0.74 1.95
N ILE B 285 8.11 1.82 1.41
CA ILE B 285 7.46 3.16 1.47
C ILE B 285 6.32 3.20 0.45
N THR B 286 6.15 2.14 -0.35
CA THR B 286 4.97 1.98 -1.23
C THR B 286 3.91 1.09 -0.59
N ARG B 287 4.18 0.53 0.58
CA ARG B 287 3.33 -0.57 1.08
C ARG B 287 2.59 -0.12 2.34
N VAL B 288 2.73 1.15 2.74
CA VAL B 288 2.33 1.61 4.10
C VAL B 288 1.44 2.84 4.00
N PRO B 289 0.17 2.69 3.62
CA PRO B 289 -0.74 3.81 3.52
C PRO B 289 -1.14 4.35 4.90
N LEU B 290 -1.73 5.54 4.86
CA LEU B 290 -2.40 6.08 6.07
C LEU B 290 -3.90 5.91 5.92
N GLY B 291 -4.56 5.88 7.05
CA GLY B 291 -6.01 5.77 7.17
C GLY B 291 -6.73 7.00 6.65
N SER B 292 -8.04 6.97 6.75
CA SER B 292 -8.96 7.96 6.17
C SER B 292 -9.87 8.44 7.28
N VAL B 293 -9.97 9.75 7.44
CA VAL B 293 -10.85 10.30 8.49
C VAL B 293 -11.20 11.73 8.12
N ILE B 294 -12.44 12.08 8.44
CA ILE B 294 -12.86 13.48 8.48
C ILE B 294 -13.16 13.74 9.93
N LYS B 295 -12.51 14.74 10.49
CA LYS B 295 -12.83 15.19 11.84
C LYS B 295 -13.82 16.33 11.75
N CYS B 296 -14.90 16.22 12.50
CA CYS B 296 -16.07 17.09 12.34
C CYS B 296 -16.41 17.61 13.71
N ILE B 297 -16.58 18.91 13.83
CA ILE B 297 -16.94 19.52 15.13
C ILE B 297 -18.20 20.36 14.92
N VAL B 298 -19.29 19.92 15.54
CA VAL B 298 -20.56 20.69 15.48
C VAL B 298 -20.68 21.43 16.80
N TYR B 299 -20.93 22.72 16.70
CA TYR B 299 -21.05 23.71 17.80
C TYR B 299 -22.51 23.99 18.07
N TYR B 300 -22.83 24.14 19.34
CA TYR B 300 -24.18 24.42 19.82
C TYR B 300 -24.11 25.55 20.82
N LYS B 301 -25.25 26.17 21.08
CA LYS B 301 -25.36 27.29 22.02
C LYS B 301 -24.95 26.76 23.40
N GLU B 302 -25.32 25.52 23.71
CA GLU B 302 -25.07 24.89 25.04
C GLU B 302 -24.69 23.42 24.87
N PRO B 303 -24.00 22.81 25.84
CA PRO B 303 -23.70 21.38 25.85
C PRO B 303 -24.94 20.64 26.37
N PHE B 304 -25.98 20.70 25.55
CA PHE B 304 -27.36 20.36 25.92
C PHE B 304 -27.44 18.87 26.30
N TRP B 305 -26.54 18.02 25.80
CA TRP B 305 -26.52 16.58 26.09
C TRP B 305 -26.29 16.34 27.57
N ARG B 306 -25.47 17.18 28.19
CA ARG B 306 -25.15 17.10 29.62
C ARG B 306 -26.41 17.18 30.46
N LYS B 307 -27.43 17.93 30.02
CA LYS B 307 -28.75 18.07 30.72
C LYS B 307 -29.49 16.73 30.73
N LYS B 308 -29.21 15.82 29.79
CA LYS B 308 -29.85 14.49 29.72
C LYS B 308 -28.89 13.46 30.31
N ASP B 309 -27.85 13.90 31.00
CA ASP B 309 -26.85 13.00 31.62
C ASP B 309 -26.16 12.17 30.54
N TYR B 310 -25.85 12.80 29.44
CA TYR B 310 -24.94 12.23 28.43
C TYR B 310 -23.68 13.08 28.39
N CYS B 311 -22.53 12.45 28.27
CA CYS B 311 -21.24 13.18 28.32
C CYS B 311 -20.91 13.68 26.92
N GLY B 312 -21.57 13.10 25.92
CA GLY B 312 -21.36 13.50 24.53
C GLY B 312 -20.58 12.45 23.80
N THR B 313 -20.11 11.43 24.50
CA THR B 313 -19.50 10.25 23.83
C THR B 313 -20.62 9.39 23.25
N MET B 314 -20.52 9.10 21.97
CA MET B 314 -21.46 8.21 21.29
C MET B 314 -20.64 7.18 20.53
N ILE B 315 -20.98 5.90 20.74
CA ILE B 315 -20.45 4.78 19.94
C ILE B 315 -21.62 4.30 19.11
N ILE B 316 -21.51 4.48 17.81
CA ILE B 316 -22.68 4.37 16.90
C ILE B 316 -22.41 3.25 15.92
N ASP B 317 -23.06 2.12 16.12
CA ASP B 317 -22.80 0.92 15.27
C ASP B 317 -23.38 1.19 13.88
N GLY B 318 -22.93 0.40 12.91
CA GLY B 318 -23.72 0.14 11.69
C GLY B 318 -23.25 1.00 10.56
N GLU B 319 -23.64 0.61 9.36
CA GLU B 319 -23.18 1.24 8.11
C GLU B 319 -23.78 2.62 7.97
N GLU B 320 -25.02 2.81 8.39
CA GLU B 320 -25.84 4.01 8.06
C GLU B 320 -25.23 5.26 8.71
N ALA B 321 -24.82 5.18 9.95
CA ALA B 321 -24.27 6.32 10.74
C ALA B 321 -23.04 6.89 10.06
N PRO B 322 -22.96 8.21 9.77
CA PRO B 322 -21.77 8.76 9.15
C PRO B 322 -20.60 8.77 10.14
N VAL B 323 -20.91 8.87 11.43
CA VAL B 323 -19.93 9.04 12.52
C VAL B 323 -20.17 7.85 13.45
N ALA B 324 -19.11 7.10 13.75
CA ALA B 324 -19.22 5.90 14.60
C ALA B 324 -18.86 6.26 16.01
N TYR B 325 -18.24 7.43 16.20
CA TYR B 325 -17.67 7.80 17.52
C TYR B 325 -17.56 9.32 17.64
N THR B 326 -17.97 9.81 18.81
CA THR B 326 -18.01 11.23 19.15
C THR B 326 -17.48 11.42 20.55
N LEU B 327 -16.92 12.58 20.79
CA LEU B 327 -16.62 13.07 22.15
C LEU B 327 -17.15 14.50 22.26
N ASP B 328 -17.48 14.87 23.48
CA ASP B 328 -17.74 16.28 23.83
C ASP B 328 -16.46 17.08 23.54
N ASP B 329 -16.57 18.12 22.74
CA ASP B 329 -15.45 19.04 22.44
C ASP B 329 -15.69 20.44 23.03
N THR B 330 -16.60 20.56 23.97
CA THR B 330 -16.84 21.83 24.72
C THR B 330 -15.51 22.25 25.37
N LYS B 331 -15.28 23.56 25.45
CA LYS B 331 -14.12 24.14 26.14
C LYS B 331 -14.24 23.85 27.62
N PRO B 332 -13.10 23.83 28.32
CA PRO B 332 -13.08 23.51 29.74
C PRO B 332 -14.00 24.48 30.51
N GLU B 333 -14.21 25.70 30.01
CA GLU B 333 -15.07 26.72 30.67
C GLU B 333 -16.56 26.38 30.48
N GLY B 334 -16.88 25.43 29.61
CA GLY B 334 -18.29 25.03 29.39
C GLY B 334 -18.90 25.85 28.28
N ASN B 335 -18.10 26.65 27.59
CA ASN B 335 -18.59 27.44 26.45
C ASN B 335 -18.03 26.81 25.18
N TYR B 336 -18.44 27.35 24.05
CA TYR B 336 -18.18 26.82 22.70
C TYR B 336 -18.58 25.33 22.71
N ALA B 337 -19.77 25.06 23.22
CA ALA B 337 -20.31 23.68 23.30
C ALA B 337 -20.15 23.05 21.92
N ALA B 338 -19.69 21.81 21.87
CA ALA B 338 -19.37 21.16 20.60
C ALA B 338 -19.31 19.63 20.77
N ILE B 339 -19.63 18.92 19.69
CA ILE B 339 -19.47 17.46 19.61
C ILE B 339 -18.47 17.24 18.49
N MET B 340 -17.42 16.51 18.82
CA MET B 340 -16.39 16.08 17.86
C MET B 340 -16.78 14.67 17.41
N GLY B 341 -16.81 14.45 16.12
CA GLY B 341 -17.01 13.10 15.60
C GLY B 341 -16.07 12.83 14.46
N PHE B 342 -15.79 11.55 14.27
CA PHE B 342 -14.95 11.07 13.15
C PHE B 342 -15.83 10.38 12.13
N ILE B 343 -15.69 10.77 10.87
CA ILE B 343 -16.20 9.95 9.75
C ILE B 343 -15.02 9.08 9.33
N LEU B 344 -15.14 7.76 9.46
CA LEU B 344 -13.99 6.84 9.52
C LEU B 344 -13.89 6.03 8.24
N ALA B 345 -12.66 5.78 7.81
CA ALA B 345 -12.33 4.70 6.86
C ALA B 345 -13.20 4.91 5.62
N HIS B 346 -13.96 3.90 5.14
CA HIS B 346 -14.70 4.01 3.86
C HIS B 346 -15.70 5.16 3.95
N LYS B 347 -16.21 5.49 5.14
CA LYS B 347 -17.25 6.54 5.19
C LYS B 347 -16.65 7.90 4.91
N ALA B 348 -15.37 8.10 5.23
CA ALA B 348 -14.65 9.34 4.91
C ALA B 348 -14.72 9.53 3.39
N ARG B 349 -14.48 8.46 2.64
CA ARG B 349 -14.47 8.47 1.17
C ARG B 349 -15.89 8.70 0.68
N LYS B 350 -16.84 7.97 1.24
CA LYS B 350 -18.26 8.05 0.86
C LYS B 350 -18.76 9.49 1.03
N LEU B 351 -18.58 10.09 2.22
CA LEU B 351 -19.29 11.33 2.61
C LEU B 351 -18.54 12.60 2.18
N ALA B 352 -17.30 12.45 1.71
CA ALA B 352 -16.43 13.52 1.18
C ALA B 352 -17.12 14.19 0.00
N ARG B 353 -18.00 13.48 -0.70
CA ARG B 353 -18.67 13.99 -1.93
C ARG B 353 -19.79 14.98 -1.55
N LEU B 354 -20.29 14.95 -0.31
CA LEU B 354 -21.33 15.91 0.16
C LEU B 354 -20.72 17.29 0.34
N THR B 355 -21.57 18.31 0.47
CA THR B 355 -21.13 19.65 0.90
C THR B 355 -20.92 19.63 2.42
N LYS B 356 -20.21 20.64 2.91
CA LYS B 356 -20.04 20.90 4.35
C LYS B 356 -21.43 20.98 4.99
N GLU B 357 -22.34 21.73 4.38
CA GLU B 357 -23.72 21.92 4.89
C GLU B 357 -24.43 20.56 4.92
N GLU B 358 -24.22 19.70 3.93
CA GLU B 358 -24.90 18.40 3.88
C GLU B 358 -24.36 17.49 4.98
N ARG B 359 -23.05 17.46 5.17
CA ARG B 359 -22.40 16.68 6.24
C ARG B 359 -22.92 17.22 7.58
N LEU B 360 -23.00 18.54 7.76
CA LEU B 360 -23.52 19.14 9.02
C LEU B 360 -24.93 18.58 9.29
N LYS B 361 -25.77 18.62 8.26
CA LYS B 361 -27.19 18.17 8.42
C LYS B 361 -27.22 16.69 8.80
N LYS B 362 -26.42 15.86 8.14
CA LYS B 362 -26.38 14.40 8.43
C LYS B 362 -25.90 14.22 9.86
N LEU B 363 -24.86 14.95 10.25
CA LEU B 363 -24.32 14.83 11.61
C LEU B 363 -25.37 15.27 12.61
N CYS B 364 -26.00 16.40 12.36
CA CYS B 364 -27.00 16.97 13.29
C CYS B 364 -28.18 15.99 13.45
N GLU B 365 -28.63 15.40 12.36
CA GLU B 365 -29.77 14.48 12.40
C GLU B 365 -29.33 13.20 13.11
N LEU B 366 -28.13 12.71 12.85
CA LEU B 366 -27.63 11.51 13.58
C LEU B 366 -27.58 11.86 15.08
N TYR B 367 -27.03 13.02 15.42
CA TYR B 367 -26.81 13.37 16.83
C TYR B 367 -28.15 13.58 17.49
N ALA B 368 -29.16 14.09 16.79
CA ALA B 368 -30.49 14.30 17.38
C ALA B 368 -31.08 12.94 17.71
N LYS B 369 -30.85 11.95 16.85
CA LYS B 369 -31.39 10.61 17.09
C LYS B 369 -30.67 9.96 18.26
N VAL B 370 -29.35 9.99 18.23
CA VAL B 370 -28.56 9.24 19.22
C VAL B 370 -28.72 9.93 20.59
N LEU B 371 -28.66 11.25 20.61
CA LEU B 371 -28.80 12.01 21.88
C LEU B 371 -30.26 12.20 22.23
N GLY B 372 -31.18 11.90 21.32
CA GLY B 372 -32.63 12.04 21.51
C GLY B 372 -33.02 13.46 21.81
N SER B 373 -32.48 14.43 21.08
CA SER B 373 -32.66 15.86 21.37
C SER B 373 -32.80 16.62 20.06
N LEU B 374 -33.85 17.43 19.94
CA LEU B 374 -34.02 18.35 18.81
C LEU B 374 -32.97 19.45 18.85
N GLU B 375 -32.40 19.77 20.03
CA GLU B 375 -31.37 20.81 20.14
C GLU B 375 -30.21 20.47 19.19
N ALA B 376 -30.00 19.20 18.87
CA ALA B 376 -28.89 18.75 18.00
C ALA B 376 -29.12 19.28 16.59
N LEU B 377 -30.36 19.69 16.28
CA LEU B 377 -30.75 20.16 14.92
C LEU B 377 -30.46 21.64 14.80
N GLU B 378 -29.91 22.30 15.82
CA GLU B 378 -29.75 23.77 15.84
C GLU B 378 -28.29 24.12 16.06
N PRO B 379 -27.38 23.69 15.17
CA PRO B 379 -25.95 24.03 15.31
C PRO B 379 -25.76 25.54 15.11
N VAL B 380 -24.81 26.12 15.83
CA VAL B 380 -24.49 27.56 15.68
C VAL B 380 -23.24 27.69 14.82
N HIS B 381 -22.48 26.60 14.65
CA HIS B 381 -21.23 26.63 13.89
C HIS B 381 -20.81 25.18 13.61
N TYR B 382 -19.98 25.03 12.59
CA TYR B 382 -19.44 23.72 12.19
C TYR B 382 -18.02 23.94 11.71
N GLU B 383 -17.11 23.07 12.12
CA GLU B 383 -15.74 22.99 11.58
C GLU B 383 -15.47 21.52 11.25
N GLU B 384 -14.72 21.28 10.18
CA GLU B 384 -14.38 19.90 9.80
C GLU B 384 -13.05 19.94 9.05
N LYS B 385 -12.37 18.81 9.04
CA LYS B 385 -11.15 18.64 8.26
C LYS B 385 -11.11 17.21 7.76
N ASN B 386 -11.02 17.10 6.46
CA ASN B 386 -10.87 15.81 5.76
C ASN B 386 -9.38 15.57 5.58
N TRP B 387 -8.80 14.67 6.35
CA TRP B 387 -7.34 14.47 6.29
C TRP B 387 -6.93 13.66 5.07
N CYS B 388 -7.89 13.08 4.35
CA CYS B 388 -7.58 12.29 3.14
C CYS B 388 -7.08 13.21 2.04
N GLU B 389 -7.39 14.48 2.12
CA GLU B 389 -7.11 15.52 1.12
C GLU B 389 -5.65 15.98 1.20
N GLU B 390 -4.95 15.68 2.30
CA GLU B 390 -3.66 16.35 2.66
C GLU B 390 -2.49 15.70 1.93
N GLN B 391 -1.94 16.41 0.95
CA GLN B 391 -0.74 15.94 0.24
C GLN B 391 0.39 15.62 1.22
N TYR B 392 0.56 16.41 2.28
CA TYR B 392 1.75 16.24 3.14
C TYR B 392 1.39 15.50 4.42
N SER B 393 0.25 14.87 4.49
CA SER B 393 -0.04 13.86 5.54
C SER B 393 -0.30 12.49 4.92
N GLY B 394 -1.12 12.43 3.87
CA GLY B 394 -1.51 11.15 3.23
C GLY B 394 -2.75 10.56 3.89
N GLY B 395 -3.12 11.10 5.02
CA GLY B 395 -4.31 10.64 5.77
C GLY B 395 -4.06 10.84 7.24
N CYS B 396 -4.91 10.20 8.02
CA CYS B 396 -4.81 10.23 9.49
C CYS B 396 -5.55 8.99 9.97
N TYR B 397 -5.27 8.59 11.20
CA TYR B 397 -4.30 9.24 12.05
C TYR B 397 -2.88 8.89 11.64
N THR B 398 -2.72 7.68 11.10
CA THR B 398 -1.38 7.12 10.97
C THR B 398 -1.31 6.08 9.87
N THR B 399 -0.13 5.51 9.74
CA THR B 399 0.15 4.47 8.73
C THR B 399 -0.39 3.13 9.22
N TYR B 400 -1.15 2.41 8.41
CA TYR B 400 -1.50 1.02 8.72
C TYR B 400 -0.68 0.10 7.80
N PHE B 401 -0.57 -1.13 8.24
CA PHE B 401 0.14 -2.18 7.51
C PHE B 401 -0.85 -3.20 7.00
N PRO B 402 -0.98 -3.30 5.68
CA PRO B 402 -1.75 -4.39 5.11
C PRO B 402 -1.14 -5.77 5.38
N PRO B 403 -1.90 -6.85 5.11
CA PRO B 403 -1.41 -8.20 5.33
C PRO B 403 -0.07 -8.44 4.63
N GLY B 404 0.87 -9.01 5.36
CA GLY B 404 2.15 -9.52 4.86
C GLY B 404 3.28 -8.52 4.97
N ILE B 405 2.99 -7.23 5.22
CA ILE B 405 3.98 -6.13 5.05
C ILE B 405 4.85 -6.03 6.29
N LEU B 406 4.27 -6.07 7.48
CA LEU B 406 5.03 -5.82 8.71
C LEU B 406 6.14 -6.87 8.86
N THR B 407 5.88 -8.14 8.54
CA THR B 407 6.89 -9.19 8.74
C THR B 407 7.99 -9.05 7.69
N GLN B 408 7.64 -8.61 6.50
CA GLN B 408 8.59 -8.56 5.36
C GLN B 408 9.37 -7.25 5.41
N TYR B 409 8.78 -6.16 5.95
CA TYR B 409 9.32 -4.80 5.77
C TYR B 409 9.43 -4.04 7.08
N GLY B 410 8.89 -4.53 8.18
CA GLY B 410 8.76 -3.77 9.43
C GLY B 410 10.12 -3.38 9.97
N ARG B 411 11.10 -4.26 9.82
CA ARG B 411 12.48 -4.01 10.32
C ARG B 411 13.05 -2.77 9.66
N VAL B 412 12.61 -2.47 8.44
CA VAL B 412 13.17 -1.36 7.64
C VAL B 412 12.80 0.00 8.26
N LEU B 413 11.68 0.12 9.00
CA LEU B 413 11.08 1.48 9.20
C LEU B 413 12.06 2.43 9.88
N ARG B 414 12.79 1.99 10.88
CA ARG B 414 13.72 2.92 11.52
C ARG B 414 15.18 2.58 11.23
N GLN B 415 15.45 1.73 10.25
CA GLN B 415 16.86 1.40 9.90
C GLN B 415 17.43 2.65 9.24
N PRO B 416 18.53 3.23 9.77
CA PRO B 416 19.15 4.38 9.14
C PRO B 416 19.56 4.00 7.71
N VAL B 417 19.50 4.97 6.84
CA VAL B 417 20.02 4.85 5.45
C VAL B 417 21.17 5.83 5.39
N ASP B 418 22.35 5.28 5.69
CA ASP B 418 23.63 6.04 5.76
C ASP B 418 23.48 7.12 6.85
N ARG B 419 23.26 8.39 6.45
CA ARG B 419 23.19 9.51 7.40
C ARG B 419 21.75 10.04 7.52
N ILE B 420 20.78 9.29 7.04
CA ILE B 420 19.34 9.61 7.25
C ILE B 420 18.83 8.70 8.33
N TYR B 421 18.34 9.31 9.38
CA TYR B 421 17.69 8.63 10.49
C TYR B 421 16.20 8.94 10.38
N PHE B 422 15.40 8.03 10.91
CA PHE B 422 13.94 8.06 10.70
C PHE B 422 13.25 8.33 12.00
N ALA B 423 12.52 9.43 12.00
CA ALA B 423 11.62 9.84 13.09
C ALA B 423 10.20 9.66 12.57
N GLY B 424 9.25 10.39 13.09
CA GLY B 424 7.84 10.15 12.74
C GLY B 424 7.24 9.14 13.67
N THR B 425 5.94 9.33 14.01
CA THR B 425 5.23 8.52 15.01
C THR B 425 5.26 7.04 14.59
N GLU B 426 5.28 6.75 13.30
CA GLU B 426 5.25 5.38 12.75
C GLU B 426 6.45 4.56 13.22
N THR B 427 7.55 5.20 13.61
CA THR B 427 8.80 4.54 14.05
C THR B 427 8.88 4.41 15.55
N ALA B 428 7.85 4.86 16.26
CA ALA B 428 7.82 4.73 17.73
C ALA B 428 7.56 3.27 18.07
N THR B 429 7.93 2.90 19.26
CA THR B 429 7.64 1.55 19.83
C THR B 429 6.51 1.61 20.86
N HIS B 430 6.05 2.80 21.24
CA HIS B 430 4.92 2.99 22.19
C HIS B 430 4.11 4.18 21.68
N TRP B 431 2.80 4.03 21.55
CA TRP B 431 1.88 5.05 21.02
C TRP B 431 2.37 5.52 19.68
N SER B 432 3.02 4.62 18.95
CA SER B 432 3.14 4.79 17.51
C SER B 432 1.75 5.12 16.97
N GLY B 433 1.66 6.16 16.14
CA GLY B 433 0.42 6.64 15.53
C GLY B 433 -0.14 7.86 16.27
N TYR B 434 0.46 8.19 17.40
CA TYR B 434 0.03 9.32 18.26
C TYR B 434 1.10 10.39 18.33
N MET B 435 0.69 11.53 18.89
CA MET B 435 1.62 12.64 19.17
C MET B 435 2.72 12.12 20.10
N GLU B 436 2.37 11.29 21.08
CA GLU B 436 3.37 10.66 21.96
C GLU B 436 4.47 9.97 21.14
N GLY B 437 4.06 9.06 20.25
CA GLY B 437 5.01 8.34 19.38
C GLY B 437 5.82 9.32 18.57
N ALA B 438 5.22 10.42 18.11
CA ALA B 438 5.97 11.47 17.36
C ALA B 438 7.15 11.93 18.22
N VAL B 439 6.90 12.26 19.48
CA VAL B 439 7.98 12.79 20.37
C VAL B 439 9.01 11.67 20.57
N GLU B 440 8.57 10.46 20.86
CA GLU B 440 9.49 9.33 21.13
C GLU B 440 10.43 9.17 19.94
N ALA B 441 9.88 9.18 18.76
CA ALA B 441 10.65 8.89 17.54
C ALA B 441 11.60 10.04 17.22
N GLY B 442 11.12 11.28 17.33
CA GLY B 442 11.92 12.49 17.05
C GLY B 442 13.15 12.52 17.94
N GLU B 443 12.94 12.30 19.21
CA GLU B 443 14.02 12.36 20.21
C GLU B 443 14.97 11.17 20.01
N ARG B 444 14.45 9.97 19.73
CA ARG B 444 15.29 8.76 19.51
C ARG B 444 16.14 8.99 18.26
N ALA B 445 15.55 9.48 17.18
CA ALA B 445 16.30 9.74 15.94
C ALA B 445 17.36 10.78 16.24
N ALA B 446 17.01 11.84 16.97
CA ALA B 446 17.96 12.92 17.28
C ALA B 446 19.15 12.31 18.05
N ARG B 447 18.87 11.42 18.99
CA ARG B 447 19.94 10.80 19.81
C ARG B 447 20.71 9.74 19.01
N GLU B 448 20.09 9.10 18.01
CA GLU B 448 20.87 8.25 17.09
C GLU B 448 21.94 9.11 16.44
N ILE B 449 21.57 10.32 16.01
CA ILE B 449 22.55 11.24 15.38
C ILE B 449 23.57 11.68 16.46
N LEU B 450 23.14 11.97 17.69
CA LEU B 450 24.14 12.42 18.70
C LEU B 450 25.13 11.28 18.94
N HIS B 451 24.66 10.03 18.91
CA HIS B 451 25.52 8.84 19.08
C HIS B 451 26.47 8.71 17.89
N ALA B 452 25.97 8.88 16.67
CA ALA B 452 26.79 8.83 15.43
C ALA B 452 27.88 9.91 15.51
N MET B 453 27.60 11.03 16.17
CA MET B 453 28.57 12.14 16.32
C MET B 453 29.55 11.87 17.46
N GLY B 454 29.41 10.76 18.20
CA GLY B 454 30.28 10.39 19.35
C GLY B 454 29.96 11.21 20.59
N LYS B 455 28.83 11.93 20.59
CA LYS B 455 28.46 12.86 21.69
C LYS B 455 27.81 12.09 22.84
N ILE B 456 27.13 10.99 22.57
CA ILE B 456 26.47 10.19 23.62
C ILE B 456 26.79 8.73 23.35
N PRO B 457 26.75 7.84 24.37
CA PRO B 457 26.94 6.42 24.16
C PRO B 457 25.70 5.75 23.56
N GLU B 458 25.88 4.55 23.00
CA GLU B 458 24.81 3.72 22.40
C GLU B 458 23.62 3.59 23.36
N ASP B 459 23.88 3.37 24.64
CA ASP B 459 22.79 3.09 25.62
C ASP B 459 21.94 4.33 25.90
N GLU B 460 22.29 5.51 25.35
CA GLU B 460 21.46 6.73 25.58
C GLU B 460 20.60 7.08 24.35
N ILE B 461 20.61 6.25 23.32
CA ILE B 461 19.77 6.47 22.11
C ILE B 461 18.29 6.30 22.50
N TRP B 462 17.95 5.21 23.15
CA TRP B 462 16.61 4.90 23.68
C TRP B 462 16.60 5.34 25.13
N GLN B 463 15.74 6.30 25.46
CA GLN B 463 15.69 6.92 26.80
C GLN B 463 14.28 6.73 27.35
N SER B 464 14.18 6.17 28.55
CA SER B 464 12.90 6.06 29.27
C SER B 464 12.42 7.49 29.59
N GLU B 465 11.15 7.65 29.93
CA GLU B 465 10.54 8.97 30.21
C GLU B 465 9.92 8.87 31.58
N PRO B 466 10.27 9.73 32.55
CA PRO B 466 9.56 9.74 33.82
C PRO B 466 8.04 9.92 33.58
N GLU B 467 7.22 9.33 34.45
CA GLU B 467 5.75 9.48 34.35
C GLU B 467 5.38 10.95 34.59
N SER B 468 4.45 11.50 33.82
CA SER B 468 3.87 12.84 34.01
C SER B 468 3.30 12.92 35.44
N VAL B 469 3.59 14.00 36.18
CA VAL B 469 2.92 14.23 37.51
C VAL B 469 1.48 14.71 37.28
N ASP B 470 1.20 15.39 36.18
CA ASP B 470 -0.14 16.01 35.92
C ASP B 470 -1.10 14.94 35.39
N VAL B 471 -0.57 13.93 34.70
CA VAL B 471 -1.40 12.92 34.00
C VAL B 471 -0.87 11.55 34.36
N PRO B 472 -0.97 11.14 35.63
CA PRO B 472 -0.47 9.82 36.03
C PRO B 472 -1.33 8.69 35.45
N ALA B 473 -0.71 7.56 35.16
CA ALA B 473 -1.41 6.37 34.64
C ALA B 473 -1.93 5.56 35.84
N GLN B 474 -3.21 5.18 35.81
CA GLN B 474 -3.79 4.16 36.70
C GLN B 474 -3.64 2.81 36.01
N PRO B 475 -3.40 1.73 36.79
CA PRO B 475 -3.23 0.40 36.22
C PRO B 475 -4.46 0.00 35.40
N ILE B 476 -4.25 -0.79 34.35
CA ILE B 476 -5.34 -1.48 33.62
C ILE B 476 -5.65 -2.75 34.41
N THR B 477 -6.90 -2.95 34.79
CA THR B 477 -7.32 -4.14 35.56
C THR B 477 -8.34 -4.94 34.73
N THR B 478 -8.45 -6.23 35.03
CA THR B 478 -9.49 -7.15 34.52
C THR B 478 -10.08 -7.93 35.71
N THR B 479 -11.29 -8.44 35.57
CA THR B 479 -11.99 -9.28 36.59
C THR B 479 -11.57 -10.73 36.40
N PHE B 480 -11.74 -11.55 37.43
CA PHE B 480 -11.62 -13.03 37.38
C PHE B 480 -12.48 -13.57 36.23
N LEU B 481 -13.73 -13.12 36.13
CA LEU B 481 -14.71 -13.55 35.10
C LEU B 481 -14.20 -13.17 33.70
N GLU B 482 -13.72 -11.95 33.51
CA GLU B 482 -13.18 -11.49 32.21
C GLU B 482 -12.00 -12.41 31.84
N ARG B 483 -11.17 -12.82 32.81
CA ARG B 483 -9.95 -13.64 32.51
C ARG B 483 -10.34 -15.09 32.21
N HIS B 484 -11.39 -15.64 32.83
CA HIS B 484 -11.67 -17.10 32.83
C HIS B 484 -12.98 -17.47 32.15
N LEU B 485 -13.90 -16.55 31.88
CA LEU B 485 -15.13 -16.99 31.16
C LEU B 485 -14.66 -17.64 29.88
N PRO B 486 -15.38 -18.70 29.45
CA PRO B 486 -15.05 -19.39 28.22
C PRO B 486 -15.45 -18.56 27.00
N SER B 487 -14.78 -18.79 25.89
CA SER B 487 -15.23 -18.32 24.56
C SER B 487 -16.53 -19.03 24.23
N VAL B 488 -17.23 -18.59 23.20
CA VAL B 488 -18.43 -19.30 22.67
C VAL B 488 -18.01 -20.73 22.28
N PRO B 489 -16.95 -20.98 21.46
CA PRO B 489 -16.55 -22.36 21.16
C PRO B 489 -16.04 -23.11 22.39
N GLY B 490 -15.39 -22.40 23.31
CA GLY B 490 -15.07 -22.91 24.66
C GLY B 490 -16.30 -23.51 25.32
N LEU B 491 -17.41 -22.77 25.33
CA LEU B 491 -18.67 -23.18 26.00
C LEU B 491 -19.32 -24.32 25.20
N LEU B 492 -19.12 -24.38 23.88
CA LEU B 492 -19.66 -25.48 23.05
C LEU B 492 -18.86 -26.76 23.36
N ARG B 493 -17.52 -26.76 23.26
CA ARG B 493 -16.66 -27.93 23.63
C ARG B 493 -17.21 -28.59 24.90
N LEU B 494 -17.51 -27.78 25.93
CA LEU B 494 -18.05 -28.21 27.24
C LEU B 494 -19.45 -28.82 27.11
N ILE B 495 -20.07 -28.79 25.92
CA ILE B 495 -21.44 -29.35 25.64
C ILE B 495 -21.40 -30.21 24.37
PA FAD C . 7.17 1.40 -16.81
O1A FAD C . 7.91 0.44 -17.68
O2A FAD C . 7.37 1.28 -15.34
O5B FAD C . 7.65 2.86 -17.24
C5B FAD C . 7.51 3.95 -16.36
C4B FAD C . 8.67 4.89 -16.67
O4B FAD C . 8.47 6.05 -15.89
C3B FAD C . 10.02 4.34 -16.34
O3B FAD C . 10.88 4.42 -17.47
C2B FAD C . 10.48 5.18 -15.18
O2B FAD C . 11.88 5.34 -15.16
C1B FAD C . 9.72 6.49 -15.42
N9A FAD C . 9.46 7.30 -14.24
C8A FAD C . 9.12 6.88 -13.00
N7A FAD C . 8.97 7.97 -12.21
C5A FAD C . 9.24 9.05 -12.95
C6A FAD C . 9.27 10.42 -12.67
N6A FAD C . 8.96 10.95 -11.49
N1A FAD C . 9.57 11.26 -13.65
C2A FAD C . 9.85 10.76 -14.88
N3A FAD C . 9.88 9.47 -15.23
C4A FAD C . 9.55 8.60 -14.22
N1 FAD C . 5.25 -7.95 -19.04
C2 FAD C . 5.07 -8.70 -20.17
O2 FAD C . 4.26 -8.26 -21.03
N3 FAD C . 5.75 -9.87 -20.38
C4 FAD C . 6.66 -10.33 -19.47
O4 FAD C . 7.25 -11.42 -19.75
C4X FAD C . 6.83 -9.61 -18.28
N5 FAD C . 7.65 -10.03 -17.30
C5X FAD C . 8.07 -9.14 -16.38
C6 FAD C . 9.16 -9.50 -15.66
C7 FAD C . 9.84 -8.61 -14.89
C7M FAD C . 11.03 -9.09 -14.17
C8 FAD C . 9.42 -7.31 -14.93
C8M FAD C . 10.19 -6.24 -14.27
C9 FAD C . 8.29 -6.91 -15.66
C9A FAD C . 7.59 -7.83 -16.41
N10 FAD C . 6.45 -7.60 -17.07
C10 FAD C . 6.17 -8.39 -18.12
C1' FAD C . 5.69 -6.36 -16.95
C2' FAD C . 6.09 -5.25 -17.91
O2' FAD C . 7.50 -5.04 -17.96
C3' FAD C . 5.41 -3.95 -17.49
O3' FAD C . 4.01 -4.16 -17.53
C4' FAD C . 5.58 -2.80 -18.51
O4' FAD C . 6.91 -2.71 -18.99
C5' FAD C . 5.16 -1.48 -17.90
O5' FAD C . 5.31 -0.39 -18.85
P FAD C . 4.77 1.04 -18.32
O1P FAD C . 5.25 1.97 -19.40
O2P FAD C . 3.36 1.08 -17.81
O3P FAD C . 5.61 1.40 -17.02
IAA PJW D . 3.14 -13.68 -15.71
CAB PJW D . 2.60 -15.63 -15.49
CAC PJW D . 1.38 -15.97 -14.96
CAD PJW D . 1.10 -17.33 -14.83
CAE PJW D . 2.07 -18.29 -15.21
CAF PJW D . 3.31 -17.89 -15.73
CAG PJW D . 3.60 -16.51 -15.85
CAH PJW D . 4.82 -16.03 -16.35
CAI PJW D . 5.92 -16.86 -16.42
CAJ PJW D . 7.13 -16.42 -16.94
CAK PJW D . 7.30 -15.15 -17.44
CAL PJW D . 6.24 -14.28 -17.41
CAM PJW D . 5.03 -14.75 -16.91
C1 C15 E . -14.91 -23.86 2.45
C2 C15 E . -14.12 -25.16 2.41
C3 C15 E . -12.88 -25.08 3.27
N1 C15 E . -11.94 -26.27 3.21
C1N C15 E . -11.42 -26.44 1.82
C2N C15 E . -10.79 -25.97 4.10
C12 C15 E . -15.95 -29.91 6.36
C13 C15 E . -14.76 -28.98 6.54
C14 C15 E . -13.80 -28.95 5.36
C15 C15 E . -13.45 -27.53 4.89
C16 C15 E . -12.61 -27.58 3.61
S1 C15 E . -16.66 -24.14 2.50
O1S C15 E . -17.30 -22.87 2.28
O2S C15 E . -16.90 -24.82 3.74
O3S C15 E . -16.84 -25.03 1.23
C1 GOL F . 14.72 -28.96 -3.06
O1 GOL F . 15.79 -29.89 -3.02
C2 GOL F . 13.83 -29.19 -4.26
O2 GOL F . 13.24 -30.49 -4.21
C3 GOL F . 12.76 -28.14 -4.38
O3 GOL F . 11.60 -28.48 -3.64
PA FAD G . 3.27 14.71 10.93
O1A FAD G . 2.44 15.50 11.91
O2A FAD G . 2.59 14.07 9.75
O5B FAD G . 4.50 15.69 10.54
C5B FAD G . 5.10 15.51 9.30
C4B FAD G . 5.39 16.90 8.79
O4B FAD G . 6.20 16.69 7.67
C3B FAD G . 4.17 17.71 8.35
O3B FAD G . 4.15 19.03 8.93
C2B FAD G . 4.31 17.69 6.86
O2B FAD G . 3.75 18.83 6.23
C1B FAD G . 5.79 17.58 6.63
N9A FAD G . 6.20 17.01 5.34
C8A FAD G . 5.66 15.98 4.68
N7A FAD G . 6.38 15.73 3.59
C5A FAD G . 7.36 16.66 3.55
C6A FAD G . 8.41 16.96 2.70
N6A FAD G . 8.61 16.27 1.56
N1A FAD G . 9.25 17.99 3.00
C2A FAD G . 9.08 18.72 4.11
N3A FAD G . 8.07 18.46 4.94
C4A FAD G . 7.22 17.44 4.68
N1 FAD G . -2.74 11.63 17.74
C2 FAD G . -2.84 11.77 19.11
O2 FAD G . -1.86 11.64 19.82
N3 FAD G . -4.03 12.12 19.62
C4 FAD G . -5.13 12.24 18.86
O4 FAD G . -6.21 12.57 19.34
C4X FAD G . -5.05 12.05 17.48
N5 FAD G . -6.14 12.17 16.69
C5X FAD G . -5.95 12.30 15.36
C6 FAD G . -7.00 12.73 14.59
C7 FAD G . -6.80 13.20 13.29
C7M FAD G . -7.99 13.63 12.50
C8 FAD G . -5.52 13.24 12.85
C8M FAD G . -5.17 13.84 11.55
C9 FAD G . -4.45 12.79 13.63
C9A FAD G . -4.64 12.32 14.92
N10 FAD G . -3.68 11.76 15.68
C10 FAD G . -3.82 11.81 16.98
C1' FAD G . -2.33 11.46 15.20
C2' FAD G . -1.27 12.54 15.40
O2' FAD G . -1.68 13.79 14.88
C3' FAD G . 0.02 12.11 14.71
O3' FAD G . 0.49 10.84 15.17
C4' FAD G . 1.16 13.09 14.93
O4' FAD G . 0.74 14.44 14.68
C5' FAD G . 2.20 12.66 13.93
O5' FAD G . 3.32 13.55 14.01
P FAD G . 4.60 13.37 13.09
O1P FAD G . 5.50 14.52 13.41
O2P FAD G . 5.04 11.91 13.19
O3P FAD G . 4.03 13.50 11.64
IAA PJW H . -7.56 6.65 18.50
CAB PJW H . -8.97 5.56 19.46
CAC PJW H . -8.87 4.21 19.60
CAD PJW H . -9.92 3.59 20.21
CAE PJW H . -11.04 4.33 20.68
CAF PJW H . -11.11 5.70 20.48
CAG PJW H . -10.06 6.36 19.85
CAH PJW H . -10.02 7.76 19.60
CAI PJW H . -11.10 8.59 19.86
CAJ PJW H . -11.06 9.95 19.64
CAK PJW H . -9.94 10.59 19.19
CAL PJW H . -8.84 9.84 18.90
CAM PJW H . -8.92 8.47 19.14
C1 C15 I . -13.86 -20.27 13.62
C2 C15 I . -15.38 -20.28 13.78
C3 C15 I . -16.05 -19.37 12.76
N1 C15 I . -17.39 -18.80 13.16
C1N C15 I . -17.22 -17.80 14.26
C2N C15 I . -17.98 -18.10 11.99
C16 C15 I . -18.29 -19.93 13.60
S1 C15 I . -13.09 -21.82 13.96
O1S C15 I . -11.81 -21.77 13.31
O2S C15 I . -12.94 -21.80 15.52
O3S C15 I . -14.01 -22.85 13.60
C1 GOL J . -27.78 5.31 12.97
O1 GOL J . -27.22 5.09 11.69
C2 GOL J . -29.28 5.33 12.88
O2 GOL J . -29.75 3.98 12.87
C3 GOL J . -29.92 6.09 14.00
O3 GOL J . -30.80 5.26 14.74
#